data_9J32
#
_entry.id   9J32
#
_cell.length_a   94.245
_cell.length_b   87.340
_cell.length_c   104.655
_cell.angle_alpha   90.00
_cell.angle_beta   99.45
_cell.angle_gamma   90.00
#
_symmetry.space_group_name_H-M   'I 1 2 1'
#
loop_
_entity.id
_entity.type
_entity.pdbx_description
1 polymer 'Aminotransferase, class 4'
2 non-polymer DI(HYDROXYETHYL)ETHER
3 water water
#
_entity_poly.entity_id   1
_entity_poly.type   'polypeptide(L)'
_entity_poly.pdbx_seq_one_letter_code
;MHADSAPSTTSSQAYAPDARNDAVLVYVNGQFVPRHQAVVSVFDAGYVCGDGVWEGVRLVDGRIVSFDAHIDRMYEGAKS
IALDIGMTRAQTKQVVVDTFLRNGMRDGAHARLMVTRGVKKTPNQDPRFIIGGATVVCVAEHKVVTPEAKRNGLKLFTST
LRCSGPDVFDLRL(LLP)SHSRLNLIQALIQAIQAGADEALMLDPNGFVSSCNSTNFFAVRNGALWTSSGRYCFNGITRA
TVVRLAREAGIPVHEGDFTLAEVYAADEAFVTGTLAGLTPVSSVDGRALVPLGPLTQRLDALYRAYIASANEAHGALPAA
A
;
_entity_poly.pdbx_strand_id   A,B,C
#
# COMPACT_ATOMS: atom_id res chain seq x y z
N TYR A 15 31.53 3.42 7.13
CA TYR A 15 32.79 4.08 6.69
C TYR A 15 33.83 3.81 7.78
N ALA A 16 34.83 2.97 7.49
CA ALA A 16 35.68 2.35 8.50
C ALA A 16 36.74 3.32 9.04
N PRO A 17 36.87 3.49 10.38
CA PRO A 17 37.48 4.68 10.99
C PRO A 17 39.00 4.83 10.78
N ASP A 18 39.48 6.06 11.00
CA ASP A 18 40.86 6.41 10.65
C ASP A 18 41.31 7.61 11.46
N ALA A 19 42.39 7.44 12.23
CA ALA A 19 42.95 8.46 13.11
C ALA A 19 43.43 9.70 12.35
N ARG A 20 43.71 9.57 11.05
CA ARG A 20 44.09 10.71 10.24
C ARG A 20 42.96 11.75 10.17
N ASN A 21 41.72 11.29 10.30
CA ASN A 21 40.56 12.18 10.30
C ASN A 21 40.68 13.27 11.38
N ASP A 22 41.37 12.99 12.50
CA ASP A 22 41.41 13.91 13.63
C ASP A 22 42.25 15.15 13.37
N ALA A 23 43.14 15.13 12.36
CA ALA A 23 44.11 16.19 12.12
C ALA A 23 44.01 16.76 10.71
N VAL A 24 42.89 16.47 9.99
CA VAL A 24 42.66 17.07 8.69
C VAL A 24 42.54 18.58 8.87
N LEU A 25 43.06 19.33 7.87
CA LEU A 25 42.80 20.75 7.72
C LEU A 25 41.50 20.95 6.94
N VAL A 26 40.72 21.96 7.36
CA VAL A 26 39.43 22.28 6.75
C VAL A 26 39.62 23.60 6.02
N TYR A 27 39.10 23.70 4.80
CA TYR A 27 39.08 24.99 4.12
C TYR A 27 37.93 25.82 4.67
N VAL A 28 38.24 27.05 5.09
CA VAL A 28 37.24 28.03 5.53
C VAL A 28 37.62 29.41 4.96
N ASN A 29 36.79 29.92 4.03
CA ASN A 29 36.97 31.20 3.31
C ASN A 29 38.44 31.50 2.98
N GLY A 30 39.16 30.54 2.41
CA GLY A 30 40.49 30.77 1.84
C GLY A 30 41.64 30.30 2.73
N GLN A 31 41.40 30.09 4.02
CA GLN A 31 42.39 29.67 5.01
C GLN A 31 42.18 28.16 5.26
N PHE A 32 43.24 27.47 5.73
CA PHE A 32 43.20 26.06 6.08
C PHE A 32 43.37 25.91 7.59
N VAL A 33 42.39 25.29 8.25
CA VAL A 33 42.25 25.34 9.70
C VAL A 33 42.19 23.91 10.27
N PRO A 34 42.90 23.58 11.38
CA PRO A 34 42.65 22.31 12.07
C PRO A 34 41.18 22.06 12.39
N ARG A 35 40.76 20.80 12.23
CA ARG A 35 39.32 20.48 12.24
C ARG A 35 38.65 20.84 13.58
N HIS A 36 39.42 20.75 14.68
CA HIS A 36 38.97 21.11 16.02
C HIS A 36 38.70 22.60 16.11
N GLN A 37 39.26 23.42 15.20
CA GLN A 37 39.07 24.87 15.24
C GLN A 37 38.41 25.41 13.97
N ALA A 38 37.81 24.54 13.14
CA ALA A 38 37.13 24.99 11.93
C ALA A 38 35.72 25.43 12.32
N VAL A 39 35.43 26.73 12.10
CA VAL A 39 34.28 27.41 12.65
C VAL A 39 33.70 28.39 11.62
N VAL A 40 32.38 28.61 11.76
CA VAL A 40 31.61 29.66 11.13
C VAL A 40 30.85 30.45 12.19
N SER A 41 30.66 31.74 11.89
CA SER A 41 29.87 32.68 12.63
C SER A 41 28.46 32.17 12.93
N VAL A 42 27.96 32.47 14.14
CA VAL A 42 26.58 32.21 14.47
C VAL A 42 25.62 33.16 13.73
N PHE A 43 26.12 34.17 13.02
CA PHE A 43 25.36 34.98 12.08
C PHE A 43 25.29 34.40 10.65
N ASP A 44 25.89 33.23 10.38
CA ASP A 44 25.93 32.71 9.04
C ASP A 44 24.60 32.08 8.66
N ALA A 45 24.08 32.38 7.47
CA ALA A 45 22.83 31.84 6.92
C ALA A 45 22.71 30.30 6.98
N GLY A 46 23.84 29.61 6.91
CA GLY A 46 23.85 28.16 7.02
C GLY A 46 23.35 27.67 8.38
N TYR A 47 23.96 28.21 9.43
CA TYR A 47 23.73 27.84 10.80
C TYR A 47 22.31 28.31 11.20
N VAL A 48 21.98 29.54 10.80
CA VAL A 48 20.73 30.14 11.26
C VAL A 48 19.51 29.52 10.56
N CYS A 49 19.59 29.45 9.23
CA CYS A 49 18.44 29.32 8.33
C CYS A 49 18.54 28.00 7.51
N GLY A 50 19.64 27.27 7.58
CA GLY A 50 19.87 26.13 6.70
C GLY A 50 20.12 26.55 5.25
N ASP A 51 20.64 27.77 5.04
CA ASP A 51 20.56 28.47 3.77
C ASP A 51 21.92 28.37 3.02
N GLY A 52 22.06 27.26 2.28
CA GLY A 52 23.15 27.01 1.38
C GLY A 52 22.95 25.74 0.59
N VAL A 53 23.92 25.43 -0.29
CA VAL A 53 24.01 24.23 -1.09
C VAL A 53 25.37 23.56 -0.86
N TRP A 54 25.41 22.26 -1.09
CA TRP A 54 26.62 21.49 -0.85
C TRP A 54 26.79 20.36 -1.84
N GLU A 55 28.01 19.80 -1.86
CA GLU A 55 28.32 18.65 -2.72
C GLU A 55 29.30 17.73 -2.00
N GLY A 56 29.10 16.41 -2.20
CA GLY A 56 30.06 15.39 -1.80
C GLY A 56 30.74 14.85 -3.06
N VAL A 57 32.08 14.86 -3.10
CA VAL A 57 32.84 14.31 -4.22
C VAL A 57 33.91 13.36 -3.66
N ARG A 58 34.12 12.24 -4.37
CA ARG A 58 34.97 11.15 -3.92
C ARG A 58 36.23 11.17 -4.76
N LEU A 59 37.40 10.92 -4.11
CA LEU A 59 38.71 10.94 -4.76
C LEU A 59 39.14 9.48 -4.90
N VAL A 60 39.37 9.05 -6.16
CA VAL A 60 39.73 7.68 -6.48
C VAL A 60 40.95 7.70 -7.39
N ASP A 61 42.07 7.14 -6.88
CA ASP A 61 43.32 7.02 -7.64
C ASP A 61 43.65 8.31 -8.39
N GLY A 62 43.62 9.44 -7.63
CA GLY A 62 44.06 10.73 -8.10
C GLY A 62 43.04 11.50 -8.98
N ARG A 63 41.79 10.98 -9.07
CA ARG A 63 40.74 11.61 -9.86
C ARG A 63 39.52 11.85 -8.96
N ILE A 64 38.91 13.02 -9.11
CA ILE A 64 37.70 13.36 -8.39
C ILE A 64 36.53 12.89 -9.24
N VAL A 65 35.78 11.92 -8.70
CA VAL A 65 34.72 11.21 -9.41
C VAL A 65 33.60 12.17 -9.78
N SER A 66 33.31 12.25 -11.07
CA SER A 66 32.24 13.03 -11.66
C SER A 66 32.35 14.53 -11.31
N PHE A 67 33.58 15.02 -11.19
CA PHE A 67 33.84 16.28 -10.52
C PHE A 67 33.02 17.41 -11.13
N ASP A 68 33.17 17.63 -12.45
CA ASP A 68 32.49 18.66 -13.24
C ASP A 68 30.97 18.51 -13.14
N ALA A 69 30.46 17.26 -13.07
CA ALA A 69 29.03 17.08 -12.89
C ALA A 69 28.56 17.66 -11.55
N HIS A 70 29.30 17.36 -10.48
CA HIS A 70 28.95 17.87 -9.18
C HIS A 70 29.01 19.38 -9.16
N ILE A 71 29.95 20.00 -9.86
CA ILE A 71 30.12 21.45 -9.72
C ILE A 71 29.02 22.14 -10.54
N ASP A 72 28.67 21.60 -11.71
CA ASP A 72 27.50 22.06 -12.47
C ASP A 72 26.25 22.05 -11.59
N ARG A 73 26.02 20.94 -10.88
CA ARG A 73 24.85 20.78 -10.04
C ARG A 73 24.86 21.86 -8.94
N MET A 74 26.01 22.07 -8.24
CA MET A 74 26.12 23.10 -7.25
C MET A 74 25.70 24.43 -7.81
N TYR A 75 26.24 24.80 -8.99
CA TYR A 75 25.95 26.08 -9.64
C TYR A 75 24.44 26.22 -9.98
N GLU A 76 23.81 25.11 -10.37
CA GLU A 76 22.37 25.14 -10.65
C GLU A 76 21.57 25.31 -9.35
N GLY A 77 21.90 24.53 -8.32
CA GLY A 77 21.22 24.64 -7.03
C GLY A 77 21.38 26.03 -6.42
N ALA A 78 22.60 26.58 -6.39
CA ALA A 78 22.78 27.95 -5.91
C ALA A 78 21.89 28.93 -6.69
N LYS A 79 21.92 28.79 -8.02
CA LYS A 79 21.11 29.62 -8.89
C LYS A 79 19.64 29.53 -8.49
N SER A 80 19.14 28.35 -8.15
CA SER A 80 17.73 28.21 -7.85
C SER A 80 17.29 29.02 -6.62
N ILE A 81 18.15 29.14 -5.58
CA ILE A 81 17.88 29.95 -4.38
C ILE A 81 18.60 31.32 -4.42
N ALA A 82 18.96 31.81 -5.61
CA ALA A 82 19.55 33.12 -5.85
C ALA A 82 20.77 33.39 -4.97
N LEU A 83 21.62 32.38 -4.81
CA LEU A 83 22.80 32.43 -4.01
C LEU A 83 23.97 32.55 -4.95
N ASP A 84 24.76 33.62 -4.70
CA ASP A 84 25.98 33.90 -5.40
C ASP A 84 27.13 33.13 -4.74
N ILE A 85 27.70 32.13 -5.44
CA ILE A 85 28.87 31.42 -4.92
C ILE A 85 30.09 32.34 -4.76
N GLY A 86 30.17 33.42 -5.54
CA GLY A 86 31.27 34.39 -5.45
C GLY A 86 32.57 33.89 -6.08
N MET A 87 32.51 32.82 -6.89
CA MET A 87 33.68 32.16 -7.47
C MET A 87 33.28 31.59 -8.82
N THR A 88 34.23 31.53 -9.76
CA THR A 88 34.05 30.81 -11.01
C THR A 88 34.08 29.33 -10.68
N ARG A 89 33.57 28.54 -11.65
CA ARG A 89 33.65 27.10 -11.60
C ARG A 89 35.09 26.62 -11.34
N ALA A 90 36.05 27.21 -12.03
CA ALA A 90 37.47 26.91 -11.84
C ALA A 90 37.94 27.14 -10.41
N GLN A 91 37.52 28.25 -9.81
CA GLN A 91 37.95 28.58 -8.46
C GLN A 91 37.31 27.61 -7.45
N THR A 92 36.03 27.29 -7.67
CA THR A 92 35.33 26.33 -6.83
C THR A 92 36.04 24.96 -6.87
N LYS A 93 36.48 24.52 -8.04
CA LYS A 93 37.18 23.25 -8.13
C LYS A 93 38.54 23.28 -7.43
N GLN A 94 39.26 24.39 -7.57
CA GLN A 94 40.56 24.52 -6.95
C GLN A 94 40.47 24.46 -5.42
N VAL A 95 39.38 25.01 -4.83
CA VAL A 95 39.08 24.83 -3.41
C VAL A 95 39.09 23.36 -3.06
N VAL A 96 38.47 22.55 -3.86
CA VAL A 96 38.35 21.14 -3.51
C VAL A 96 39.70 20.45 -3.68
N VAL A 97 40.30 20.65 -4.86
CA VAL A 97 41.66 20.18 -5.16
C VAL A 97 42.64 20.59 -4.05
N ASP A 98 42.71 21.88 -3.71
CA ASP A 98 43.60 22.29 -2.62
C ASP A 98 43.23 21.64 -1.29
N THR A 99 41.96 21.27 -1.02
CA THR A 99 41.63 20.67 0.27
C THR A 99 42.22 19.27 0.32
N PHE A 100 41.92 18.46 -0.69
CA PHE A 100 42.62 17.18 -0.85
C PHE A 100 44.14 17.28 -0.76
N LEU A 101 44.75 18.21 -1.49
CA LEU A 101 46.20 18.36 -1.55
C LEU A 101 46.77 18.67 -0.16
N ARG A 102 46.16 19.62 0.54
CA ARG A 102 46.59 20.05 1.86
C ARG A 102 46.62 18.90 2.88
N ASN A 103 45.77 17.87 2.71
CA ASN A 103 45.71 16.72 3.60
C ASN A 103 46.41 15.49 3.00
N GLY A 104 47.23 15.69 1.94
CA GLY A 104 48.04 14.63 1.35
C GLY A 104 47.19 13.44 0.87
N MET A 105 45.97 13.70 0.37
CA MET A 105 45.03 12.67 -0.04
C MET A 105 45.10 12.48 -1.55
N ARG A 106 45.30 11.25 -2.01
CA ARG A 106 45.05 10.93 -3.42
C ARG A 106 43.95 9.88 -3.59
N ASP A 107 43.55 9.20 -2.50
CA ASP A 107 42.77 7.99 -2.64
C ASP A 107 42.02 7.67 -1.36
N GLY A 108 40.82 7.09 -1.54
CA GLY A 108 39.98 6.69 -0.42
C GLY A 108 39.49 7.90 0.36
N ALA A 109 39.22 9.00 -0.37
CA ALA A 109 38.88 10.23 0.29
C ALA A 109 37.61 10.83 -0.30
N HIS A 110 36.89 11.53 0.59
CA HIS A 110 35.64 12.17 0.31
C HIS A 110 35.71 13.61 0.81
N ALA A 111 35.31 14.58 -0.05
CA ALA A 111 35.17 15.98 0.31
C ALA A 111 33.70 16.43 0.26
N ARG A 112 33.26 17.08 1.35
CA ARG A 112 32.05 17.86 1.45
C ARG A 112 32.36 19.35 1.27
N LEU A 113 31.84 19.92 0.17
CA LEU A 113 31.95 21.33 -0.13
C LEU A 113 30.65 22.03 0.26
N MET A 114 30.72 22.96 1.20
CA MET A 114 29.52 23.64 1.72
C MET A 114 29.65 25.13 1.43
N VAL A 115 28.67 25.67 0.72
CA VAL A 115 28.61 27.06 0.40
C VAL A 115 27.26 27.61 0.91
N THR A 116 27.34 28.38 2.00
CA THR A 116 26.19 28.99 2.65
C THR A 116 26.15 30.47 2.31
N ARG A 117 25.01 31.12 2.49
CA ARG A 117 24.75 32.38 1.81
C ARG A 117 25.71 33.46 2.30
N GLY A 118 26.12 33.39 3.58
CA GLY A 118 27.08 34.29 4.18
C GLY A 118 26.60 34.75 5.56
N VAL A 119 27.30 35.75 6.11
CA VAL A 119 27.01 36.33 7.41
C VAL A 119 26.00 37.46 7.22
N LYS A 120 25.11 37.68 8.20
CA LYS A 120 24.14 38.78 8.15
C LYS A 120 24.37 39.70 9.34
N LYS A 121 24.04 41.00 9.18
CA LYS A 121 24.17 41.98 10.27
C LYS A 121 23.30 41.48 11.41
N THR A 122 22.11 40.96 11.06
CA THR A 122 21.18 40.37 12.01
C THR A 122 20.51 39.17 11.36
N PRO A 123 20.24 38.06 12.09
CA PRO A 123 19.59 36.90 11.50
C PRO A 123 18.17 37.21 11.04
N ASN A 124 17.95 36.99 9.74
CA ASN A 124 16.64 37.15 9.12
C ASN A 124 16.60 36.16 7.95
N GLN A 125 15.49 36.16 7.20
CA GLN A 125 15.30 35.31 6.01
C GLN A 125 15.71 36.00 4.71
N ASP A 126 15.68 37.34 4.74
CA ASP A 126 15.91 38.12 3.56
C ASP A 126 17.34 37.89 3.05
N PRO A 127 17.48 37.36 1.82
CA PRO A 127 18.78 36.98 1.30
C PRO A 127 19.65 38.14 0.82
N ARG A 128 19.12 39.37 0.78
CA ARG A 128 19.86 40.52 0.31
C ARG A 128 20.78 41.14 1.37
N PHE A 129 20.55 40.90 2.66
CA PHE A 129 21.16 41.74 3.69
C PHE A 129 22.51 41.12 4.13
N ILE A 130 23.36 40.71 3.17
CA ILE A 130 24.52 39.84 3.41
C ILE A 130 25.81 40.67 3.39
N ILE A 131 26.69 40.49 4.39
CA ILE A 131 27.97 41.20 4.44
C ILE A 131 29.04 40.23 3.94
N GLY A 132 29.91 40.71 3.04
CA GLY A 132 30.80 39.86 2.27
C GLY A 132 30.01 38.99 1.31
N GLY A 133 30.56 37.85 0.97
CA GLY A 133 29.91 36.89 0.09
C GLY A 133 29.73 35.57 0.79
N ALA A 134 29.53 34.55 -0.03
CA ALA A 134 29.27 33.20 0.41
C ALA A 134 30.30 32.72 1.42
N THR A 135 29.88 32.02 2.45
CA THR A 135 30.76 31.21 3.26
C THR A 135 31.05 29.93 2.49
N VAL A 136 32.34 29.59 2.39
CA VAL A 136 32.81 28.41 1.67
C VAL A 136 33.60 27.55 2.65
N VAL A 137 33.10 26.33 2.86
CA VAL A 137 33.75 25.34 3.68
C VAL A 137 33.98 24.08 2.87
N CYS A 138 35.14 23.46 3.04
CA CYS A 138 35.46 22.15 2.47
C CYS A 138 36.11 21.25 3.51
N VAL A 139 35.39 20.17 3.88
CA VAL A 139 35.86 19.12 4.77
C VAL A 139 36.22 17.91 3.91
N ALA A 140 37.48 17.54 3.91
CA ALA A 140 37.98 16.36 3.20
C ALA A 140 38.44 15.37 4.27
N GLU A 141 37.98 14.12 4.15
CA GLU A 141 38.23 13.06 5.11
C GLU A 141 38.58 11.74 4.39
N HIS A 142 39.18 10.83 5.18
CA HIS A 142 39.45 9.46 4.80
C HIS A 142 38.19 8.64 5.03
N LYS A 143 37.58 8.12 3.95
CA LYS A 143 36.26 7.51 3.99
C LYS A 143 36.24 6.34 3.00
N VAL A 144 36.54 5.14 3.51
CA VAL A 144 36.57 3.90 2.74
C VAL A 144 35.54 2.95 3.36
N VAL A 145 34.58 2.43 2.57
CA VAL A 145 33.57 1.50 3.08
C VAL A 145 34.21 0.10 3.20
N THR A 146 34.27 -0.45 4.43
CA THR A 146 34.82 -1.78 4.71
C THR A 146 33.81 -2.80 4.20
N PRO A 147 34.14 -3.69 3.23
CA PRO A 147 33.13 -4.41 2.44
C PRO A 147 32.33 -5.45 3.21
N GLU A 148 32.52 -5.55 4.54
CA GLU A 148 31.58 -6.15 5.47
C GLU A 148 30.27 -5.35 5.52
N ALA A 149 30.36 -4.02 5.40
CA ALA A 149 29.21 -3.16 5.19
C ALA A 149 28.57 -3.40 3.81
N LYS A 150 29.38 -3.55 2.76
CA LYS A 150 28.85 -3.94 1.46
C LYS A 150 28.08 -5.26 1.60
N ARG A 151 28.71 -6.30 2.16
CA ARG A 151 28.19 -7.66 2.17
C ARG A 151 26.86 -7.74 2.93
N ASN A 152 26.68 -7.07 4.07
CA ASN A 152 25.48 -7.27 4.87
C ASN A 152 24.34 -6.39 4.32
N GLY A 153 24.67 -5.17 3.86
CA GLY A 153 23.74 -4.21 3.30
C GLY A 153 22.90 -3.51 4.37
N LEU A 154 21.79 -2.88 3.96
CA LEU A 154 20.98 -2.01 4.79
C LEU A 154 19.58 -2.56 4.97
N LYS A 155 19.05 -2.35 6.20
CA LYS A 155 17.63 -2.48 6.48
C LYS A 155 17.00 -1.11 6.15
N LEU A 156 15.91 -1.15 5.34
CA LEU A 156 15.10 0.00 4.94
C LEU A 156 13.74 -0.09 5.57
N PHE A 157 13.24 1.05 6.01
CA PHE A 157 11.86 1.11 6.43
C PHE A 157 11.15 2.25 5.70
N THR A 158 9.90 2.05 5.23
CA THR A 158 9.20 3.10 4.50
C THR A 158 8.55 4.04 5.53
N SER A 159 9.19 5.22 5.73
CA SER A 159 8.61 6.26 6.54
C SER A 159 7.20 6.68 6.09
N THR A 160 6.44 7.17 7.06
CA THR A 160 5.16 7.76 6.82
C THR A 160 5.33 9.16 6.22
N LEU A 161 6.52 9.76 6.34
CA LEU A 161 6.82 11.10 5.84
C LEU A 161 7.28 11.04 4.37
N ARG A 162 6.76 11.98 3.58
CA ARG A 162 6.70 11.97 2.14
C ARG A 162 7.73 12.94 1.61
N CYS A 163 8.33 12.57 0.47
CA CYS A 163 8.97 13.51 -0.41
C CYS A 163 7.97 14.59 -0.82
N SER A 164 8.45 15.84 -1.03
CA SER A 164 7.64 16.99 -1.41
C SER A 164 7.61 17.14 -2.90
N GLY A 165 6.54 17.74 -3.39
CA GLY A 165 6.52 18.30 -4.72
C GLY A 165 7.34 19.60 -4.80
N PRO A 166 7.80 20.00 -6.03
CA PRO A 166 8.67 21.13 -6.23
C PRO A 166 8.10 22.50 -5.88
N ASP A 167 6.82 22.64 -5.95
CA ASP A 167 6.14 23.82 -5.42
C ASP A 167 6.14 23.96 -3.89
N VAL A 168 6.50 22.90 -3.14
CA VAL A 168 6.61 22.91 -1.69
C VAL A 168 8.08 23.00 -1.32
N PHE A 169 8.89 22.07 -1.84
CA PHE A 169 10.33 22.09 -1.61
C PHE A 169 10.90 21.08 -2.60
N ASP A 170 11.65 21.59 -3.56
CA ASP A 170 12.26 20.80 -4.61
C ASP A 170 13.38 19.94 -4.02
N LEU A 171 13.18 18.61 -4.05
CA LEU A 171 14.17 17.69 -3.49
C LEU A 171 15.39 17.40 -4.41
N ARG A 172 15.43 17.99 -5.62
CA ARG A 172 16.64 18.04 -6.44
C ARG A 172 17.76 18.91 -5.84
N LEU A 173 17.41 19.84 -4.93
CA LEU A 173 18.38 20.78 -4.36
C LEU A 173 19.20 20.07 -3.26
N SER A 175 20.86 20.84 -0.28
CA SER A 175 20.82 22.04 0.52
C SER A 175 21.21 21.77 1.98
N HIS A 176 21.33 22.87 2.74
CA HIS A 176 21.61 22.87 4.17
C HIS A 176 20.33 22.80 5.01
N SER A 177 19.16 22.62 4.37
CA SER A 177 17.89 22.52 5.10
C SER A 177 17.38 21.08 5.07
N ARG A 178 17.75 20.22 6.03
CA ARG A 178 17.65 18.77 5.83
C ARG A 178 16.77 18.07 6.87
N LEU A 179 15.96 18.85 7.62
CA LEU A 179 15.14 18.25 8.64
C LEU A 179 14.04 17.41 8.00
N ASN A 180 13.63 17.75 6.77
CA ASN A 180 12.67 16.96 5.99
C ASN A 180 13.09 15.50 5.82
N LEU A 181 14.36 15.30 5.49
CA LEU A 181 14.92 13.98 5.35
C LEU A 181 15.25 13.35 6.68
N ILE A 182 15.78 14.14 7.63
CA ILE A 182 16.19 13.61 8.93
C ILE A 182 14.98 13.05 9.69
N GLN A 183 13.83 13.72 9.59
CA GLN A 183 12.64 13.24 10.25
C GLN A 183 12.21 11.87 9.73
N ALA A 184 12.32 11.64 8.41
CA ALA A 184 12.05 10.34 7.81
C ALA A 184 12.96 9.29 8.40
N LEU A 185 14.27 9.65 8.55
CA LEU A 185 15.26 8.75 9.11
C LEU A 185 14.94 8.35 10.55
N ILE A 186 14.58 9.35 11.37
CA ILE A 186 14.30 9.07 12.76
C ILE A 186 13.23 7.98 12.84
N GLN A 187 12.15 8.10 12.08
CA GLN A 187 11.14 7.07 12.13
C GLN A 187 11.66 5.68 11.70
N ALA A 188 12.41 5.58 10.59
CA ALA A 188 12.98 4.34 10.16
C ALA A 188 13.90 3.67 11.22
N ILE A 189 14.73 4.47 11.93
CA ILE A 189 15.56 3.97 13.02
C ILE A 189 14.67 3.37 14.12
N GLN A 190 13.58 4.07 14.46
CA GLN A 190 12.67 3.60 15.49
C GLN A 190 11.96 2.34 15.01
N ALA A 191 11.92 2.07 13.71
CA ALA A 191 11.39 0.80 13.24
C ALA A 191 12.41 -0.34 13.26
N GLY A 192 13.67 -0.06 13.65
CA GLY A 192 14.71 -1.07 13.72
C GLY A 192 15.54 -1.08 12.42
N ALA A 193 15.44 -0.04 11.59
CA ALA A 193 16.11 0.00 10.30
C ALA A 193 17.30 0.96 10.33
N ASP A 194 18.04 0.99 9.20
CA ASP A 194 19.25 1.80 9.02
C ASP A 194 19.03 3.06 8.16
N GLU A 195 18.03 3.04 7.29
CA GLU A 195 17.79 4.11 6.32
C GLU A 195 16.28 4.17 6.12
N ALA A 196 15.78 5.30 5.61
CA ALA A 196 14.35 5.45 5.33
C ALA A 196 14.11 5.42 3.84
N LEU A 197 13.14 4.59 3.38
CA LEU A 197 12.55 4.68 2.07
C LEU A 197 11.41 5.70 2.20
N MET A 198 11.29 6.52 1.16
CA MET A 198 10.26 7.54 1.11
C MET A 198 9.40 7.32 -0.12
N LEU A 199 8.08 7.59 0.02
CA LEU A 199 7.17 7.66 -1.10
C LEU A 199 7.03 9.09 -1.53
N ASP A 200 6.67 9.24 -2.82
CA ASP A 200 6.35 10.50 -3.45
C ASP A 200 4.93 10.93 -3.03
N PRO A 201 4.43 12.15 -3.39
CA PRO A 201 3.09 12.57 -3.02
C PRO A 201 1.99 11.70 -3.58
N ASN A 202 2.28 10.81 -4.54
CA ASN A 202 1.24 9.97 -5.12
C ASN A 202 1.26 8.58 -4.51
N GLY A 203 2.25 8.29 -3.61
CA GLY A 203 2.38 7.00 -2.97
C GLY A 203 3.38 6.08 -3.66
N PHE A 204 4.05 6.49 -4.74
CA PHE A 204 4.99 5.56 -5.44
C PHE A 204 6.36 5.66 -4.78
N VAL A 205 7.18 4.59 -4.91
CA VAL A 205 8.51 4.61 -4.31
C VAL A 205 9.33 5.76 -4.91
N SER A 206 9.98 6.59 -4.09
CA SER A 206 10.76 7.72 -4.58
C SER A 206 12.25 7.46 -4.39
N SER A 207 12.72 7.60 -3.16
CA SER A 207 14.14 7.58 -2.82
C SER A 207 14.29 7.22 -1.36
N CYS A 208 15.56 7.12 -0.93
CA CYS A 208 15.90 7.04 0.48
C CYS A 208 16.30 8.40 1.02
N ASN A 209 16.37 8.48 2.34
CA ASN A 209 16.58 9.76 2.99
C ASN A 209 17.96 10.36 2.67
N SER A 210 18.99 9.54 2.35
CA SER A 210 20.34 10.06 2.13
C SER A 210 20.97 9.46 0.86
N THR A 211 20.25 8.55 0.19
CA THR A 211 20.71 7.76 -0.95
C THR A 211 19.56 7.62 -1.94
N ASN A 212 19.85 7.24 -3.18
CA ASN A 212 18.81 6.88 -4.15
C ASN A 212 18.50 5.41 -4.05
N PHE A 213 17.38 4.98 -4.62
CA PHE A 213 16.87 3.62 -4.40
C PHE A 213 16.63 2.91 -5.73
N PHE A 214 17.11 1.67 -5.78
CA PHE A 214 16.91 0.79 -6.91
C PHE A 214 16.36 -0.53 -6.41
N ALA A 215 15.56 -1.16 -7.26
CA ALA A 215 15.12 -2.51 -7.06
C ALA A 215 15.46 -3.30 -8.32
N VAL A 216 15.56 -4.62 -8.13
CA VAL A 216 15.82 -5.56 -9.23
C VAL A 216 14.70 -6.59 -9.29
N ARG A 217 14.12 -6.76 -10.51
CA ARG A 217 12.98 -7.61 -10.81
C ARG A 217 13.16 -8.25 -12.18
N ASN A 218 13.25 -9.59 -12.23
CA ASN A 218 13.39 -10.40 -13.44
C ASN A 218 14.49 -9.86 -14.36
N GLY A 219 15.68 -9.63 -13.80
CA GLY A 219 16.84 -9.23 -14.61
C GLY A 219 16.85 -7.73 -14.94
N ALA A 220 15.87 -6.93 -14.47
CA ALA A 220 15.75 -5.54 -14.84
C ALA A 220 15.94 -4.67 -13.61
N LEU A 221 16.40 -3.46 -13.85
CA LEU A 221 16.64 -2.49 -12.80
C LEU A 221 15.51 -1.47 -12.81
N TRP A 222 14.92 -1.28 -11.62
CA TRP A 222 13.79 -0.41 -11.42
C TRP A 222 14.24 0.73 -10.54
N THR A 223 13.92 1.97 -10.91
CA THR A 223 14.19 3.10 -10.06
C THR A 223 13.19 4.21 -10.42
N SER A 224 12.95 5.10 -9.47
CA SER A 224 11.96 6.15 -9.61
C SER A 224 12.28 7.04 -10.80
N SER A 225 11.31 7.87 -11.15
CA SER A 225 11.41 8.87 -12.18
C SER A 225 12.42 9.91 -11.78
N GLY A 226 12.60 10.13 -10.49
CA GLY A 226 13.44 11.23 -10.02
C GLY A 226 12.71 12.56 -9.99
N ARG A 227 11.38 12.56 -10.33
CA ARG A 227 10.54 13.75 -10.31
C ARG A 227 10.48 14.31 -8.90
N TYR A 228 10.50 13.44 -7.89
CA TYR A 228 10.23 13.85 -6.51
C TYR A 228 11.36 13.47 -5.54
N CYS A 229 12.60 13.31 -6.05
CA CYS A 229 13.73 13.09 -5.18
C CYS A 229 15.02 13.70 -5.74
N PHE A 230 16.10 13.55 -4.97
CA PHE A 230 17.41 13.98 -5.35
C PHE A 230 17.82 13.15 -6.56
N ASN A 231 18.26 13.82 -7.64
CA ASN A 231 18.75 13.18 -8.85
C ASN A 231 20.24 12.91 -8.69
N GLY A 232 20.60 11.85 -7.96
CA GLY A 232 21.98 11.55 -7.64
C GLY A 232 22.75 11.25 -8.91
N ILE A 233 24.03 11.66 -8.89
CA ILE A 233 24.96 11.40 -9.96
C ILE A 233 25.28 9.93 -9.97
N THR A 234 25.39 9.30 -8.79
CA THR A 234 25.58 7.84 -8.75
C THR A 234 24.37 7.15 -9.40
N ARG A 235 23.17 7.59 -8.98
CA ARG A 235 21.96 7.14 -9.66
C ARG A 235 22.04 7.20 -11.21
N ALA A 236 22.35 8.36 -11.76
CA ALA A 236 22.36 8.54 -13.19
C ALA A 236 23.48 7.71 -13.84
N THR A 237 24.61 7.56 -13.19
CA THR A 237 25.71 6.73 -13.69
C THR A 237 25.27 5.28 -13.70
N VAL A 238 24.61 4.82 -12.62
CA VAL A 238 24.22 3.42 -12.59
C VAL A 238 23.17 3.15 -13.68
N VAL A 239 22.23 4.07 -13.86
CA VAL A 239 21.24 3.88 -14.94
C VAL A 239 21.97 3.83 -16.29
N ARG A 240 22.94 4.70 -16.49
CA ARG A 240 23.64 4.79 -17.77
C ARG A 240 24.43 3.49 -18.02
N LEU A 241 25.22 3.04 -17.03
CA LEU A 241 25.93 1.78 -17.14
C LEU A 241 24.99 0.62 -17.44
N ALA A 242 23.84 0.57 -16.78
CA ALA A 242 22.89 -0.52 -17.03
C ALA A 242 22.39 -0.51 -18.49
N ARG A 243 21.99 0.66 -19.00
CA ARG A 243 21.54 0.82 -20.38
C ARG A 243 22.63 0.47 -21.38
N GLU A 244 23.85 0.91 -21.06
CA GLU A 244 24.99 0.61 -21.90
C GLU A 244 25.25 -0.87 -21.90
N ALA A 245 25.04 -1.57 -20.78
CA ALA A 245 25.27 -3.01 -20.76
C ALA A 245 24.10 -3.85 -21.29
N GLY A 246 23.03 -3.26 -21.85
CA GLY A 246 21.87 -4.00 -22.33
C GLY A 246 20.96 -4.50 -21.21
N ILE A 247 21.11 -3.96 -20.01
CA ILE A 247 20.31 -4.35 -18.86
C ILE A 247 19.03 -3.52 -18.98
N PRO A 248 17.83 -4.16 -19.03
CA PRO A 248 16.60 -3.40 -19.04
C PRO A 248 16.42 -2.53 -17.79
N VAL A 249 16.02 -1.28 -18.04
CA VAL A 249 15.80 -0.27 -17.02
C VAL A 249 14.34 0.17 -17.12
N HIS A 250 13.69 0.23 -15.97
CA HIS A 250 12.38 0.82 -15.79
C HIS A 250 12.59 2.02 -14.85
N GLU A 251 12.54 3.21 -15.43
CA GLU A 251 12.72 4.47 -14.74
C GLU A 251 11.31 5.05 -14.68
N GLY A 252 10.67 5.02 -13.54
CA GLY A 252 9.28 5.45 -13.48
C GLY A 252 8.64 4.92 -12.21
N ASP A 253 7.27 4.90 -12.22
CA ASP A 253 6.46 4.70 -11.04
C ASP A 253 6.38 3.21 -10.70
N PHE A 254 6.73 2.86 -9.47
CA PHE A 254 6.51 1.51 -8.93
C PHE A 254 6.15 1.62 -7.46
N THR A 255 5.64 0.50 -6.95
CA THR A 255 4.99 0.44 -5.65
C THR A 255 5.85 -0.39 -4.68
N LEU A 256 5.44 -0.29 -3.40
CA LEU A 256 5.95 -1.11 -2.34
C LEU A 256 5.71 -2.58 -2.65
N ALA A 257 4.55 -2.92 -3.23
CA ALA A 257 4.28 -4.32 -3.61
C ALA A 257 5.37 -4.83 -4.56
N GLU A 258 5.75 -4.00 -5.55
CA GLU A 258 6.78 -4.39 -6.50
C GLU A 258 8.15 -4.53 -5.84
N VAL A 259 8.45 -3.75 -4.79
CA VAL A 259 9.69 -3.83 -4.05
C VAL A 259 9.72 -5.13 -3.24
N TYR A 260 8.61 -5.43 -2.59
CA TYR A 260 8.49 -6.57 -1.72
C TYR A 260 8.63 -7.83 -2.56
N ALA A 261 8.25 -7.79 -3.85
CA ALA A 261 8.38 -9.00 -4.65
C ALA A 261 9.68 -8.99 -5.43
N ALA A 262 10.58 -8.03 -5.17
CA ALA A 262 11.79 -7.83 -5.96
C ALA A 262 12.78 -8.94 -5.62
N ASP A 263 13.70 -9.22 -6.55
CA ASP A 263 14.77 -10.18 -6.31
C ASP A 263 15.91 -9.54 -5.51
N GLU A 264 16.20 -8.25 -5.78
CA GLU A 264 17.30 -7.59 -5.15
C GLU A 264 16.92 -6.12 -4.96
N ALA A 265 17.77 -5.41 -4.20
CA ALA A 265 17.68 -3.96 -4.15
C ALA A 265 18.98 -3.38 -3.62
N PHE A 266 19.20 -2.10 -3.96
CA PHE A 266 20.36 -1.38 -3.48
C PHE A 266 20.10 0.11 -3.50
N VAL A 267 20.98 0.81 -2.79
CA VAL A 267 20.96 2.26 -2.67
C VAL A 267 22.26 2.83 -3.20
N THR A 268 22.18 4.07 -3.72
CA THR A 268 23.34 4.71 -4.34
C THR A 268 23.64 6.05 -3.68
N GLY A 269 24.93 6.41 -3.68
CA GLY A 269 25.36 7.74 -3.31
C GLY A 269 26.87 7.82 -3.44
N THR A 270 27.40 9.05 -3.46
CA THR A 270 28.82 9.24 -3.73
C THR A 270 29.68 8.51 -2.69
N LEU A 271 29.23 8.50 -1.44
CA LEU A 271 29.98 8.08 -0.28
C LEU A 271 30.13 6.57 -0.29
N ALA A 272 29.01 5.83 -0.39
CA ALA A 272 29.05 4.36 -0.29
C ALA A 272 29.11 3.69 -1.65
N GLY A 273 28.70 4.38 -2.72
CA GLY A 273 28.68 3.76 -4.02
C GLY A 273 27.35 3.03 -4.14
N LEU A 274 27.38 1.73 -4.39
CA LEU A 274 26.23 0.86 -4.40
C LEU A 274 26.27 0.09 -3.09
N THR A 275 25.23 0.25 -2.25
CA THR A 275 25.10 -0.49 -1.00
C THR A 275 23.86 -1.38 -1.14
N PRO A 276 23.99 -2.71 -0.98
CA PRO A 276 22.84 -3.60 -1.03
C PRO A 276 21.84 -3.37 0.09
N VAL A 277 20.60 -3.78 -0.17
CA VAL A 277 19.52 -3.77 0.79
C VAL A 277 19.22 -5.22 1.16
N SER A 278 19.13 -5.47 2.47
CA SER A 278 18.85 -6.77 3.04
C SER A 278 17.37 -6.87 3.41
N SER A 279 16.68 -5.74 3.68
CA SER A 279 15.23 -5.84 3.87
C SER A 279 14.54 -4.49 3.66
N VAL A 280 13.26 -4.54 3.28
CA VAL A 280 12.39 -3.37 3.20
C VAL A 280 11.10 -3.71 3.93
N ASP A 281 10.67 -2.84 4.86
CA ASP A 281 9.52 -3.07 5.74
C ASP A 281 9.55 -4.47 6.33
N GLY A 282 10.73 -4.96 6.71
CA GLY A 282 10.84 -6.31 7.24
C GLY A 282 10.78 -7.47 6.22
N ARG A 283 10.70 -7.21 4.91
CA ARG A 283 10.64 -8.27 3.90
C ARG A 283 12.06 -8.50 3.38
N ALA A 284 12.59 -9.69 3.56
CA ALA A 284 14.00 -9.99 3.32
C ALA A 284 14.27 -9.95 1.83
N LEU A 285 15.47 -9.48 1.49
CA LEU A 285 16.04 -9.55 0.16
C LEU A 285 17.45 -10.07 0.34
N VAL A 286 17.89 -10.96 -0.58
CA VAL A 286 19.26 -11.44 -0.55
C VAL A 286 20.15 -10.23 -0.81
N PRO A 287 21.05 -9.81 0.10
CA PRO A 287 22.00 -8.75 -0.21
C PRO A 287 23.12 -9.21 -1.15
N LEU A 288 23.53 -8.31 -2.10
CA LEU A 288 24.48 -8.52 -3.17
C LEU A 288 23.96 -9.65 -4.08
N GLY A 289 22.75 -9.46 -4.60
CA GLY A 289 22.27 -10.37 -5.61
C GLY A 289 23.11 -10.27 -6.89
N PRO A 290 22.88 -11.16 -7.87
CA PRO A 290 23.77 -11.23 -9.02
C PRO A 290 23.77 -9.96 -9.88
N LEU A 291 22.66 -9.23 -10.01
CA LEU A 291 22.66 -8.02 -10.82
C LEU A 291 23.26 -6.82 -10.09
N THR A 292 23.10 -6.77 -8.76
CA THR A 292 23.76 -5.74 -7.98
C THR A 292 25.28 -5.88 -8.14
N GLN A 293 25.79 -7.12 -8.05
CA GLN A 293 27.21 -7.41 -8.20
C GLN A 293 27.72 -6.93 -9.56
N ARG A 294 26.99 -7.27 -10.64
CA ARG A 294 27.35 -6.92 -12.00
C ARG A 294 27.41 -5.39 -12.16
N LEU A 295 26.43 -4.67 -11.61
CA LEU A 295 26.41 -3.22 -11.76
C LEU A 295 27.48 -2.59 -10.88
N ASP A 296 27.69 -3.22 -9.73
CA ASP A 296 28.77 -2.80 -8.83
C ASP A 296 30.13 -2.92 -9.50
N ALA A 297 30.36 -4.00 -10.22
CA ALA A 297 31.61 -4.20 -10.97
C ALA A 297 31.82 -3.09 -12.01
N LEU A 298 30.75 -2.76 -12.75
CA LEU A 298 30.77 -1.73 -13.78
C LEU A 298 31.01 -0.34 -13.20
N TYR A 299 30.41 -0.09 -12.03
CA TYR A 299 30.50 1.19 -11.37
C TYR A 299 31.94 1.48 -10.93
N ARG A 300 32.51 0.49 -10.19
CA ARG A 300 33.85 0.61 -9.62
C ARG A 300 34.89 0.71 -10.74
N ALA A 301 34.75 -0.10 -11.78
CA ALA A 301 35.54 0.06 -13.00
C ALA A 301 35.42 1.48 -13.51
N TYR A 302 34.19 2.07 -13.57
CA TYR A 302 34.05 3.39 -14.14
C TYR A 302 34.75 4.46 -13.28
N ILE A 303 34.58 4.45 -11.95
CA ILE A 303 35.12 5.52 -11.12
C ILE A 303 36.64 5.38 -10.92
N ALA A 304 37.21 4.19 -11.15
CA ALA A 304 38.64 3.94 -11.11
C ALA A 304 39.33 4.06 -12.48
N SER A 305 38.62 4.50 -13.55
CA SER A 305 39.15 4.52 -14.92
C SER A 305 39.65 5.94 -15.20
N ALA A 306 40.42 6.06 -16.28
CA ALA A 306 40.99 7.33 -16.71
C ALA A 306 40.00 8.15 -17.55
N ASN A 307 38.67 7.83 -17.53
CA ASN A 307 37.62 8.73 -17.97
C ASN A 307 37.73 10.10 -17.28
N GLU A 308 37.78 11.17 -18.10
CA GLU A 308 38.15 12.48 -17.57
C GLU A 308 36.89 13.20 -17.10
N ALA A 309 35.70 12.55 -17.19
CA ALA A 309 34.60 12.91 -16.29
C ALA A 309 35.11 12.96 -14.84
N HIS A 310 36.17 12.17 -14.53
CA HIS A 310 36.80 12.17 -13.22
C HIS A 310 37.96 13.16 -13.26
N GLY A 311 37.72 14.40 -12.80
CA GLY A 311 38.68 15.49 -12.96
C GLY A 311 40.03 15.12 -12.34
N ALA A 312 41.11 15.34 -13.11
CA ALA A 312 42.45 14.96 -12.70
C ALA A 312 42.95 15.92 -11.63
N LEU A 313 43.49 15.39 -10.54
CA LEU A 313 44.08 16.25 -9.51
C LEU A 313 45.34 16.93 -10.08
N PRO A 314 45.49 18.28 -9.98
CA PRO A 314 46.84 18.88 -9.86
C PRO A 314 47.55 18.46 -8.57
N TYR B 15 -7.22 -10.43 25.20
CA TYR B 15 -8.60 -11.00 25.29
C TYR B 15 -8.44 -12.51 25.52
N ALA B 16 -8.71 -12.98 26.75
CA ALA B 16 -7.93 -14.01 27.44
C ALA B 16 -8.73 -15.30 27.61
N PRO B 17 -8.15 -16.49 27.30
CA PRO B 17 -8.90 -17.59 26.71
C PRO B 17 -9.87 -18.33 27.64
N ASP B 18 -10.80 -19.04 27.00
CA ASP B 18 -11.92 -19.66 27.65
C ASP B 18 -12.39 -20.82 26.76
N ALA B 19 -12.38 -22.02 27.32
CA ALA B 19 -12.68 -23.22 26.57
C ALA B 19 -14.14 -23.29 26.14
N ARG B 20 -15.02 -22.47 26.72
CA ARG B 20 -16.39 -22.36 26.25
C ARG B 20 -16.45 -21.85 24.81
N ASN B 21 -15.46 -21.07 24.39
CA ASN B 21 -15.38 -20.60 23.01
C ASN B 21 -15.44 -21.76 22.00
N ASP B 22 -14.93 -22.95 22.36
CA ASP B 22 -14.84 -24.08 21.43
C ASP B 22 -16.19 -24.73 21.11
N ALA B 23 -17.23 -24.51 21.93
CA ALA B 23 -18.53 -25.15 21.77
C ALA B 23 -19.67 -24.15 21.57
N VAL B 24 -19.38 -22.85 21.28
CA VAL B 24 -20.43 -21.87 21.04
C VAL B 24 -21.21 -22.28 19.79
N LEU B 25 -22.52 -22.01 19.77
CA LEU B 25 -23.35 -22.13 18.58
C LEU B 25 -23.33 -20.78 17.83
N VAL B 26 -23.27 -20.85 16.50
CA VAL B 26 -23.20 -19.68 15.62
C VAL B 26 -24.55 -19.58 14.91
N TYR B 27 -25.08 -18.37 14.79
CA TYR B 27 -26.28 -18.16 13.99
C TYR B 27 -25.85 -18.07 12.53
N VAL B 28 -26.49 -18.89 11.67
CA VAL B 28 -26.31 -18.86 10.22
C VAL B 28 -27.70 -18.98 9.57
N ASN B 29 -28.16 -17.93 8.88
CA ASN B 29 -29.48 -17.82 8.23
C ASN B 29 -30.61 -18.54 8.99
N GLY B 30 -30.74 -18.27 10.30
CA GLY B 30 -31.89 -18.72 11.06
C GLY B 30 -31.64 -19.97 11.90
N GLN B 31 -30.59 -20.74 11.60
CA GLN B 31 -30.22 -21.95 12.31
C GLN B 31 -29.07 -21.63 13.25
N PHE B 32 -28.89 -22.46 14.31
CA PHE B 32 -27.80 -22.36 15.27
C PHE B 32 -26.90 -23.59 15.13
N VAL B 33 -25.62 -23.36 14.82
CA VAL B 33 -24.71 -24.38 14.32
C VAL B 33 -23.45 -24.43 15.20
N PRO B 34 -22.90 -25.61 15.54
CA PRO B 34 -21.60 -25.68 16.19
C PRO B 34 -20.49 -24.91 15.47
N ARG B 35 -19.64 -24.23 16.23
CA ARG B 35 -18.60 -23.33 15.71
C ARG B 35 -17.70 -23.97 14.65
N HIS B 36 -17.36 -25.25 14.90
CA HIS B 36 -16.53 -26.05 14.00
C HIS B 36 -17.28 -26.36 12.71
N GLN B 37 -18.62 -26.20 12.65
CA GLN B 37 -19.43 -26.49 11.48
C GLN B 37 -20.13 -25.24 10.94
N ALA B 38 -19.80 -24.02 11.43
CA ALA B 38 -20.46 -22.81 10.94
C ALA B 38 -19.77 -22.36 9.66
N VAL B 39 -20.55 -22.31 8.56
CA VAL B 39 -20.05 -22.23 7.20
C VAL B 39 -20.96 -21.32 6.36
N VAL B 40 -20.32 -20.74 5.32
CA VAL B 40 -20.94 -19.98 4.27
C VAL B 40 -20.49 -20.56 2.93
N SER B 41 -21.37 -20.41 1.91
CA SER B 41 -21.11 -20.86 0.55
C SER B 41 -19.91 -20.12 -0.03
N VAL B 42 -19.12 -20.81 -0.87
CA VAL B 42 -18.03 -20.17 -1.58
C VAL B 42 -18.56 -19.22 -2.68
N PHE B 43 -19.88 -19.27 -2.97
CA PHE B 43 -20.53 -18.27 -3.84
C PHE B 43 -21.02 -17.00 -3.09
N ASP B 44 -20.78 -16.90 -1.78
CA ASP B 44 -21.29 -15.79 -1.00
C ASP B 44 -20.41 -14.56 -1.24
N ALA B 45 -21.06 -13.41 -1.48
CA ALA B 45 -20.39 -12.12 -1.74
C ALA B 45 -19.40 -11.72 -0.65
N GLY B 46 -19.62 -12.18 0.59
CA GLY B 46 -18.70 -11.88 1.66
C GLY B 46 -17.29 -12.46 1.43
N TYR B 47 -17.26 -13.75 1.12
CA TYR B 47 -16.05 -14.50 0.90
C TYR B 47 -15.42 -14.07 -0.41
N VAL B 48 -16.22 -13.87 -1.45
CA VAL B 48 -15.67 -13.64 -2.78
C VAL B 48 -15.12 -12.20 -2.92
N CYS B 49 -15.91 -11.24 -2.46
CA CYS B 49 -15.82 -9.83 -2.84
C CYS B 49 -15.59 -8.95 -1.60
N GLY B 50 -15.69 -9.49 -0.37
CA GLY B 50 -15.62 -8.67 0.82
C GLY B 50 -16.88 -7.83 1.02
N ASP B 51 -18.02 -8.29 0.45
CA ASP B 51 -19.17 -7.46 0.17
C ASP B 51 -20.26 -7.67 1.25
N GLY B 52 -20.14 -6.89 2.34
CA GLY B 52 -21.05 -6.90 3.47
C GLY B 52 -20.63 -5.88 4.52
N VAL B 53 -21.48 -5.72 5.53
CA VAL B 53 -21.25 -4.89 6.69
C VAL B 53 -21.36 -5.72 7.96
N TRP B 54 -20.70 -5.25 9.02
CA TRP B 54 -20.73 -5.95 10.29
C TRP B 54 -20.76 -5.01 11.48
N GLU B 55 -21.04 -5.61 12.66
CA GLU B 55 -21.01 -4.88 13.93
C GLU B 55 -20.49 -5.83 15.02
N GLY B 56 -19.73 -5.24 15.95
CA GLY B 56 -19.37 -5.85 17.21
C GLY B 56 -20.17 -5.16 18.31
N VAL B 57 -20.88 -5.96 19.12
CA VAL B 57 -21.56 -5.44 20.30
C VAL B 57 -21.17 -6.29 21.50
N ARG B 58 -20.99 -5.63 22.65
CA ARG B 58 -20.53 -6.24 23.88
C ARG B 58 -21.74 -6.33 24.82
N LEU B 59 -21.82 -7.49 25.50
CA LEU B 59 -22.82 -7.81 26.50
C LEU B 59 -22.18 -7.59 27.86
N VAL B 60 -22.76 -6.71 28.70
CA VAL B 60 -22.29 -6.42 30.04
C VAL B 60 -23.46 -6.51 31.02
N ASP B 61 -23.38 -7.45 31.96
CA ASP B 61 -24.33 -7.61 33.07
C ASP B 61 -25.76 -7.55 32.55
N GLY B 62 -26.04 -8.30 31.47
CA GLY B 62 -27.38 -8.48 30.94
C GLY B 62 -27.80 -7.41 29.94
N ARG B 63 -26.91 -6.44 29.59
CA ARG B 63 -27.24 -5.36 28.66
C ARG B 63 -26.27 -5.35 27.48
N ILE B 64 -26.81 -5.12 26.29
CA ILE B 64 -25.99 -4.94 25.09
C ILE B 64 -25.69 -3.42 25.01
N VAL B 65 -24.40 -3.12 25.13
CA VAL B 65 -23.89 -1.74 25.24
C VAL B 65 -24.15 -1.00 23.94
N SER B 66 -24.93 0.08 23.98
CA SER B 66 -25.12 0.97 22.82
C SER B 66 -25.83 0.26 21.65
N PHE B 67 -26.71 -0.68 22.00
CA PHE B 67 -27.14 -1.69 21.05
C PHE B 67 -27.80 -1.03 19.83
N ASP B 68 -28.83 -0.20 20.05
CA ASP B 68 -29.52 0.51 18.97
C ASP B 68 -28.59 1.41 18.17
N ALA B 69 -27.55 1.99 18.79
CA ALA B 69 -26.60 2.74 18.01
C ALA B 69 -25.89 1.84 16.98
N HIS B 70 -25.46 0.66 17.40
CA HIS B 70 -24.81 -0.28 16.50
C HIS B 70 -25.76 -0.69 15.39
N ILE B 71 -27.03 -0.89 15.68
CA ILE B 71 -27.95 -1.40 14.67
C ILE B 71 -28.30 -0.29 13.67
N ASP B 72 -28.45 0.95 14.15
CA ASP B 72 -28.62 2.08 13.26
C ASP B 72 -27.44 2.23 12.32
N ARG B 73 -26.21 2.08 12.86
CA ARG B 73 -25.02 2.19 12.06
C ARG B 73 -25.02 1.14 10.96
N MET B 74 -25.35 -0.13 11.31
CA MET B 74 -25.39 -1.21 10.37
C MET B 74 -26.31 -0.85 9.22
N TYR B 75 -27.53 -0.41 9.55
CA TYR B 75 -28.56 -0.03 8.58
C TYR B 75 -28.09 1.09 7.65
N GLU B 76 -27.33 2.06 8.20
CA GLU B 76 -26.78 3.14 7.37
C GLU B 76 -25.69 2.59 6.44
N GLY B 77 -24.75 1.78 6.98
CA GLY B 77 -23.72 1.18 6.17
C GLY B 77 -24.26 0.29 5.05
N ALA B 78 -25.20 -0.61 5.38
CA ALA B 78 -25.87 -1.40 4.35
C ALA B 78 -26.49 -0.51 3.27
N LYS B 79 -27.23 0.50 3.71
CA LYS B 79 -27.82 1.48 2.81
C LYS B 79 -26.78 2.10 1.88
N SER B 80 -25.60 2.38 2.36
CA SER B 80 -24.61 3.06 1.53
C SER B 80 -24.13 2.19 0.34
N ILE B 81 -24.05 0.86 0.54
CA ILE B 81 -23.70 -0.10 -0.52
C ILE B 81 -24.94 -0.85 -1.06
N ALA B 82 -26.14 -0.33 -0.84
CA ALA B 82 -27.39 -0.77 -1.47
C ALA B 82 -27.66 -2.22 -1.16
N LEU B 83 -27.37 -2.60 0.07
CA LEU B 83 -27.51 -3.96 0.55
C LEU B 83 -28.76 -3.98 1.41
N ASP B 84 -29.68 -4.86 1.00
CA ASP B 84 -30.93 -5.16 1.67
C ASP B 84 -30.64 -6.17 2.77
N ILE B 85 -30.73 -5.77 4.05
CA ILE B 85 -30.51 -6.67 5.18
C ILE B 85 -31.57 -7.80 5.19
N GLY B 86 -32.78 -7.55 4.64
CA GLY B 86 -33.85 -8.53 4.63
C GLY B 86 -34.59 -8.61 5.96
N MET B 87 -34.36 -7.67 6.89
CA MET B 87 -34.90 -7.78 8.25
C MET B 87 -35.18 -6.39 8.78
N THR B 88 -36.19 -6.28 9.65
CA THR B 88 -36.46 -5.07 10.40
C THR B 88 -35.37 -4.93 11.45
N ARG B 89 -35.21 -3.70 11.96
CA ARG B 89 -34.31 -3.44 13.07
C ARG B 89 -34.58 -4.39 14.23
N ALA B 90 -35.85 -4.62 14.56
CA ALA B 90 -36.27 -5.53 15.60
C ALA B 90 -35.77 -6.95 15.37
N GLN B 91 -35.88 -7.42 14.13
CA GLN B 91 -35.47 -8.79 13.79
C GLN B 91 -33.97 -8.92 13.86
N THR B 92 -33.26 -7.88 13.40
CA THR B 92 -31.82 -7.85 13.45
C THR B 92 -31.33 -7.97 14.90
N LYS B 93 -31.97 -7.22 15.80
CA LYS B 93 -31.60 -7.25 17.21
C LYS B 93 -31.86 -8.62 17.82
N GLN B 94 -33.02 -9.22 17.49
CA GLN B 94 -33.38 -10.52 18.03
C GLN B 94 -32.37 -11.60 17.64
N VAL B 95 -31.81 -11.54 16.43
CA VAL B 95 -30.69 -12.40 16.03
C VAL B 95 -29.54 -12.29 17.03
N VAL B 96 -29.19 -11.08 17.44
CA VAL B 96 -28.08 -10.94 18.37
C VAL B 96 -28.47 -11.48 19.75
N VAL B 97 -29.62 -11.00 20.26
CA VAL B 97 -30.19 -11.47 21.51
C VAL B 97 -30.27 -13.00 21.53
N ASP B 98 -30.90 -13.62 20.52
CA ASP B 98 -30.96 -15.08 20.50
C ASP B 98 -29.58 -15.74 20.43
N THR B 99 -28.55 -15.07 19.87
CA THR B 99 -27.23 -15.72 19.80
C THR B 99 -26.64 -15.76 21.21
N PHE B 100 -26.62 -14.61 21.91
CA PHE B 100 -26.27 -14.59 23.33
C PHE B 100 -27.05 -15.64 24.13
N LEU B 101 -28.38 -15.68 23.99
CA LEU B 101 -29.24 -16.55 24.78
C LEU B 101 -28.88 -18.02 24.56
N ARG B 102 -28.73 -18.42 23.30
CA ARG B 102 -28.46 -19.80 22.93
C ARG B 102 -27.14 -20.33 23.52
N ASN B 103 -26.17 -19.45 23.82
CA ASN B 103 -24.90 -19.82 24.42
C ASN B 103 -24.86 -19.50 25.92
N GLY B 104 -26.04 -19.25 26.55
CA GLY B 104 -26.17 -18.97 27.98
C GLY B 104 -25.26 -17.83 28.45
N MET B 105 -25.08 -16.80 27.62
CA MET B 105 -24.20 -15.68 27.93
C MET B 105 -25.01 -14.52 28.49
N ARG B 106 -24.61 -14.05 29.66
CA ARG B 106 -25.18 -12.83 30.24
C ARG B 106 -24.12 -11.72 30.36
N ASP B 107 -22.82 -12.06 30.34
CA ASP B 107 -21.79 -11.08 30.74
C ASP B 107 -20.44 -11.48 30.17
N GLY B 108 -19.61 -10.47 29.88
CA GLY B 108 -18.25 -10.71 29.43
C GLY B 108 -18.25 -11.36 28.04
N ALA B 109 -19.21 -10.96 27.20
CA ALA B 109 -19.33 -11.58 25.90
C ALA B 109 -19.47 -10.52 24.82
N HIS B 110 -19.03 -10.92 23.62
CA HIS B 110 -18.96 -10.10 22.44
C HIS B 110 -19.59 -10.86 21.28
N ALA B 111 -20.49 -10.20 20.53
CA ALA B 111 -21.10 -10.72 19.32
C ALA B 111 -20.68 -9.88 18.10
N ARG B 112 -20.20 -10.61 17.07
CA ARG B 112 -19.97 -10.12 15.74
C ARG B 112 -21.14 -10.50 14.83
N LEU B 113 -21.83 -9.49 14.32
CA LEU B 113 -22.98 -9.69 13.45
C LEU B 113 -22.53 -9.33 12.04
N MET B 114 -22.57 -10.30 11.14
CA MET B 114 -22.07 -10.15 9.78
C MET B 114 -23.25 -10.37 8.84
N VAL B 115 -23.49 -9.37 7.99
CA VAL B 115 -24.49 -9.44 6.96
C VAL B 115 -23.79 -9.18 5.63
N THR B 116 -23.67 -10.24 4.83
CA THR B 116 -23.04 -10.16 3.52
C THR B 116 -24.11 -10.22 2.45
N ARG B 117 -23.77 -9.85 1.21
CA ARG B 117 -24.81 -9.52 0.25
C ARG B 117 -25.64 -10.78 -0.09
N GLY B 118 -25.00 -11.96 -0.10
CA GLY B 118 -25.68 -13.23 -0.31
C GLY B 118 -24.94 -14.08 -1.33
N VAL B 119 -25.59 -15.15 -1.81
CA VAL B 119 -25.03 -16.11 -2.74
C VAL B 119 -25.36 -15.64 -4.16
N LYS B 120 -24.42 -15.86 -5.10
CA LYS B 120 -24.60 -15.53 -6.51
C LYS B 120 -24.50 -16.79 -7.35
N LYS B 121 -25.17 -16.79 -8.53
CA LYS B 121 -25.13 -17.90 -9.48
C LYS B 121 -23.67 -18.14 -9.86
N THR B 122 -22.93 -17.05 -10.08
CA THR B 122 -21.53 -17.06 -10.42
C THR B 122 -20.83 -15.92 -9.68
N PRO B 123 -19.55 -16.06 -9.27
CA PRO B 123 -18.82 -14.96 -8.67
C PRO B 123 -18.62 -13.80 -9.66
N ASN B 124 -19.17 -12.65 -9.29
CA ASN B 124 -19.00 -11.38 -9.98
C ASN B 124 -19.19 -10.29 -8.92
N GLN B 125 -19.09 -9.01 -9.35
CA GLN B 125 -19.26 -7.85 -8.45
C GLN B 125 -20.68 -7.27 -8.56
N ASP B 126 -21.44 -7.62 -9.63
CA ASP B 126 -22.75 -7.06 -9.81
C ASP B 126 -23.68 -7.46 -8.65
N PRO B 127 -24.19 -6.47 -7.88
CA PRO B 127 -24.97 -6.75 -6.68
C PRO B 127 -26.39 -7.22 -6.92
N ARG B 128 -26.89 -7.15 -8.18
CA ARG B 128 -28.28 -7.50 -8.46
C ARG B 128 -28.47 -8.99 -8.71
N PHE B 129 -27.40 -9.76 -9.00
CA PHE B 129 -27.54 -11.12 -9.51
C PHE B 129 -27.63 -12.11 -8.31
N ILE B 130 -28.40 -11.79 -7.26
CA ILE B 130 -28.36 -12.47 -5.95
C ILE B 130 -29.56 -13.41 -5.81
N ILE B 131 -29.32 -14.67 -5.40
CA ILE B 131 -30.42 -15.64 -5.22
C ILE B 131 -30.67 -15.73 -3.72
N GLY B 132 -31.93 -15.62 -3.30
CA GLY B 132 -32.28 -15.40 -1.91
C GLY B 132 -31.85 -14.02 -1.45
N GLY B 133 -31.64 -13.91 -0.14
CA GLY B 133 -31.30 -12.62 0.45
C GLY B 133 -29.91 -12.63 1.08
N ALA B 134 -29.70 -11.60 1.90
CA ALA B 134 -28.51 -11.42 2.70
C ALA B 134 -28.14 -12.71 3.43
N THR B 135 -26.85 -13.04 3.47
CA THR B 135 -26.34 -13.99 4.44
C THR B 135 -26.21 -13.24 5.76
N VAL B 136 -26.71 -13.86 6.83
CA VAL B 136 -26.69 -13.31 8.17
C VAL B 136 -25.98 -14.31 9.08
N VAL B 137 -24.87 -13.87 9.66
CA VAL B 137 -24.09 -14.66 10.59
C VAL B 137 -23.90 -13.87 11.87
N CYS B 138 -23.99 -14.56 13.01
CA CYS B 138 -23.69 -14.00 14.32
C CYS B 138 -22.83 -14.97 15.11
N VAL B 139 -21.57 -14.53 15.37
CA VAL B 139 -20.63 -15.25 16.21
C VAL B 139 -20.58 -14.55 17.56
N ALA B 140 -20.96 -15.28 18.60
CA ALA B 140 -20.86 -14.77 19.96
C ALA B 140 -19.76 -15.57 20.66
N GLU B 141 -18.84 -14.87 21.35
CA GLU B 141 -17.78 -15.48 22.12
C GLU B 141 -17.63 -14.83 23.50
N HIS B 142 -16.98 -15.57 24.42
CA HIS B 142 -16.57 -15.09 25.74
C HIS B 142 -15.27 -14.32 25.60
N LYS B 143 -15.30 -13.00 25.82
CA LYS B 143 -14.20 -12.11 25.46
C LYS B 143 -14.03 -11.08 26.58
N VAL B 144 -13.19 -11.41 27.57
CA VAL B 144 -12.84 -10.52 28.65
C VAL B 144 -11.33 -10.22 28.52
N VAL B 145 -11.00 -8.92 28.46
CA VAL B 145 -9.64 -8.40 28.50
C VAL B 145 -9.12 -8.56 29.93
N THR B 146 -8.04 -9.37 30.09
CA THR B 146 -7.39 -9.56 31.38
C THR B 146 -6.56 -8.30 31.63
N PRO B 147 -6.81 -7.50 32.71
CA PRO B 147 -6.38 -6.10 32.74
C PRO B 147 -4.88 -5.89 32.89
N GLU B 148 -4.09 -7.00 32.84
CA GLU B 148 -2.66 -6.97 32.55
C GLU B 148 -2.42 -6.52 31.11
N ALA B 149 -3.32 -6.87 30.17
CA ALA B 149 -3.36 -6.29 28.83
C ALA B 149 -3.70 -4.78 28.87
N LYS B 150 -4.69 -4.40 29.69
CA LYS B 150 -4.97 -2.98 29.90
C LYS B 150 -3.68 -2.29 30.39
N ARG B 151 -3.09 -2.79 31.48
CA ARG B 151 -1.98 -2.13 32.18
C ARG B 151 -0.77 -1.92 31.27
N ASN B 152 -0.40 -2.88 30.41
CA ASN B 152 0.85 -2.80 29.67
C ASN B 152 0.65 -1.92 28.41
N GLY B 153 -0.54 -2.04 27.76
CA GLY B 153 -0.96 -1.19 26.65
C GLY B 153 -0.29 -1.58 25.33
N LEU B 154 -0.44 -0.72 24.29
CA LEU B 154 -0.07 -1.05 22.92
C LEU B 154 1.10 -0.19 22.44
N LYS B 155 2.02 -0.81 21.69
CA LYS B 155 2.95 -0.09 20.84
C LYS B 155 2.26 0.23 19.50
N LEU B 156 2.32 1.51 19.09
CA LEU B 156 1.77 2.04 17.83
C LEU B 156 2.90 2.40 16.91
N PHE B 157 2.74 2.05 15.64
CA PHE B 157 3.62 2.60 14.63
C PHE B 157 2.82 3.30 13.56
N THR B 158 3.24 4.49 13.14
CA THR B 158 2.50 5.22 12.07
C THR B 158 2.89 4.65 10.70
N SER B 159 2.03 3.78 10.16
CA SER B 159 2.16 3.26 8.82
C SER B 159 2.27 4.37 7.75
N THR B 160 2.94 3.99 6.68
CA THR B 160 3.06 4.79 5.51
C THR B 160 1.75 4.77 4.73
N LEU B 161 0.88 3.77 4.98
CA LEU B 161 -0.39 3.61 4.28
C LEU B 161 -1.49 4.42 4.97
N ARG B 162 -2.30 5.09 4.14
CA ARG B 162 -3.11 6.23 4.47
C ARG B 162 -4.56 5.79 4.52
N CYS B 163 -5.31 6.46 5.40
CA CYS B 163 -6.76 6.47 5.27
C CYS B 163 -7.15 7.15 3.95
N SER B 164 -8.26 6.70 3.33
CA SER B 164 -8.77 7.21 2.07
C SER B 164 -9.79 8.27 2.35
N GLY B 165 -9.95 9.15 1.36
CA GLY B 165 -11.13 9.98 1.29
C GLY B 165 -12.37 9.22 0.80
N PRO B 166 -13.60 9.77 1.02
CA PRO B 166 -14.84 9.12 0.69
C PRO B 166 -15.13 8.89 -0.78
N ASP B 167 -14.56 9.68 -1.65
CA ASP B 167 -14.55 9.35 -3.07
C ASP B 167 -13.65 8.18 -3.51
N VAL B 168 -12.79 7.66 -2.61
CA VAL B 168 -12.02 6.46 -2.88
C VAL B 168 -12.67 5.29 -2.16
N PHE B 169 -12.85 5.43 -0.85
CA PHE B 169 -13.48 4.41 -0.03
C PHE B 169 -13.69 5.02 1.35
N ASP B 170 -14.96 5.20 1.70
CA ASP B 170 -15.40 5.81 2.93
C ASP B 170 -15.12 4.86 4.11
N LEU B 171 -14.25 5.29 5.01
CA LEU B 171 -13.87 4.53 6.20
C LEU B 171 -14.85 4.62 7.40
N ARG B 172 -15.98 5.33 7.23
CA ARG B 172 -17.12 5.20 8.16
C ARG B 172 -17.84 3.84 8.06
N LEU B 173 -17.66 3.15 6.93
CA LEU B 173 -18.37 1.90 6.69
C LEU B 173 -17.64 0.74 7.39
N SER B 175 -17.07 -2.71 7.12
CA SER B 175 -17.30 -3.61 5.99
C SER B 175 -16.44 -4.87 6.08
N HIS B 176 -16.74 -5.81 5.16
CA HIS B 176 -16.01 -7.06 4.98
C HIS B 176 -14.82 -6.91 4.03
N SER B 177 -14.50 -5.67 3.61
CA SER B 177 -13.37 -5.38 2.74
C SER B 177 -12.28 -4.69 3.55
N ARG B 178 -11.36 -5.43 4.18
CA ARG B 178 -10.53 -4.87 5.24
C ARG B 178 -9.04 -4.91 4.96
N LEU B 179 -8.63 -5.20 3.72
CA LEU B 179 -7.21 -5.33 3.42
C LEU B 179 -6.58 -3.95 3.47
N ASN B 180 -7.35 -2.87 3.26
CA ASN B 180 -6.86 -1.51 3.41
C ASN B 180 -6.28 -1.25 4.82
N LEU B 181 -6.97 -1.73 5.83
CA LEU B 181 -6.54 -1.58 7.21
C LEU B 181 -5.49 -2.63 7.57
N ILE B 182 -5.65 -3.87 7.08
CA ILE B 182 -4.73 -4.94 7.42
C ILE B 182 -3.32 -4.62 6.89
N GLN B 183 -3.22 -4.05 5.69
CA GLN B 183 -1.93 -3.69 5.13
C GLN B 183 -1.21 -2.67 6.01
N ALA B 184 -1.93 -1.70 6.58
CA ALA B 184 -1.32 -0.78 7.54
C ALA B 184 -0.78 -1.52 8.75
N LEU B 185 -1.59 -2.50 9.26
CA LEU B 185 -1.16 -3.33 10.38
C LEU B 185 0.11 -4.12 10.10
N ILE B 186 0.19 -4.75 8.93
CA ILE B 186 1.34 -5.57 8.59
C ILE B 186 2.61 -4.74 8.70
N GLN B 187 2.60 -3.52 8.13
CA GLN B 187 3.77 -2.69 8.27
C GLN B 187 4.13 -2.38 9.74
N ALA B 188 3.15 -1.97 10.56
CA ALA B 188 3.38 -1.66 11.95
C ALA B 188 3.96 -2.86 12.74
N ILE B 189 3.46 -4.09 12.48
CA ILE B 189 4.01 -5.30 13.09
C ILE B 189 5.49 -5.45 12.71
N GLN B 190 5.82 -5.24 11.42
CA GLN B 190 7.21 -5.34 11.00
C GLN B 190 8.06 -4.25 11.67
N ALA B 191 7.43 -3.17 12.16
CA ALA B 191 8.20 -2.17 12.92
C ALA B 191 8.41 -2.54 14.39
N GLY B 192 7.83 -3.67 14.83
CA GLY B 192 7.95 -4.14 16.19
C GLY B 192 6.78 -3.64 17.03
N ALA B 193 5.69 -3.16 16.39
CA ALA B 193 4.54 -2.61 17.09
C ALA B 193 3.39 -3.60 17.05
N ASP B 194 2.30 -3.22 17.77
CA ASP B 194 1.10 -4.03 17.96
C ASP B 194 -0.09 -3.60 17.11
N GLU B 195 -0.13 -2.31 16.71
CA GLU B 195 -1.26 -1.71 16.00
C GLU B 195 -0.68 -0.61 15.12
N ALA B 196 -1.41 -0.18 14.10
CA ALA B 196 -0.99 0.87 13.19
C ALA B 196 -1.77 2.13 13.44
N LEU B 197 -1.03 3.26 13.59
CA LEU B 197 -1.57 4.59 13.52
C LEU B 197 -1.56 4.96 12.04
N MET B 198 -2.62 5.62 11.61
CA MET B 198 -2.82 5.99 10.22
C MET B 198 -3.02 7.50 10.13
N LEU B 199 -2.43 8.10 9.09
CA LEU B 199 -2.68 9.47 8.72
C LEU B 199 -3.77 9.55 7.66
N ASP B 200 -4.44 10.70 7.62
CA ASP B 200 -5.47 11.06 6.64
C ASP B 200 -4.78 11.50 5.34
N PRO B 201 -5.52 11.79 4.23
CA PRO B 201 -4.87 12.20 3.00
C PRO B 201 -4.13 13.51 3.12
N ASN B 202 -4.33 14.28 4.18
CA ASN B 202 -3.61 15.55 4.33
C ASN B 202 -2.42 15.45 5.25
N GLY B 203 -2.21 14.25 5.86
CA GLY B 203 -1.06 14.01 6.71
C GLY B 203 -1.39 14.08 8.20
N PHE B 204 -2.65 14.44 8.62
CA PHE B 204 -2.92 14.61 10.04
C PHE B 204 -3.26 13.23 10.64
N VAL B 205 -3.07 13.07 11.95
CA VAL B 205 -3.43 11.83 12.62
C VAL B 205 -4.95 11.55 12.40
N SER B 206 -5.29 10.34 11.97
CA SER B 206 -6.67 9.96 11.71
C SER B 206 -7.14 8.94 12.76
N SER B 207 -6.75 7.68 12.63
CA SER B 207 -7.16 6.60 13.52
C SER B 207 -6.13 5.49 13.54
N CYS B 208 -6.43 4.41 14.28
CA CYS B 208 -5.69 3.16 14.22
C CYS B 208 -6.41 2.18 13.28
N ASN B 209 -5.68 1.14 12.86
CA ASN B 209 -6.20 0.17 11.92
C ASN B 209 -7.45 -0.56 12.43
N SER B 210 -7.65 -0.77 13.75
CA SER B 210 -8.79 -1.54 14.24
C SER B 210 -9.54 -0.85 15.39
N THR B 211 -9.04 0.33 15.81
CA THR B 211 -9.46 1.09 16.97
C THR B 211 -9.34 2.58 16.64
N ASN B 212 -10.00 3.43 17.40
CA ASN B 212 -9.93 4.88 17.27
C ASN B 212 -8.82 5.38 18.19
N PHE B 213 -8.34 6.60 17.92
CA PHE B 213 -7.12 7.05 18.58
C PHE B 213 -7.37 8.37 19.31
N PHE B 214 -6.89 8.42 20.57
CA PHE B 214 -6.89 9.62 21.36
C PHE B 214 -5.49 9.88 21.87
N ALA B 215 -5.17 11.16 22.03
CA ALA B 215 -3.98 11.61 22.76
C ALA B 215 -4.44 12.55 23.85
N VAL B 216 -3.62 12.61 24.91
CA VAL B 216 -3.80 13.54 26.02
C VAL B 216 -2.61 14.50 26.07
N ARG B 217 -2.91 15.80 26.09
CA ARG B 217 -1.95 16.90 26.15
C ARG B 217 -2.48 18.01 27.07
N ASN B 218 -1.71 18.32 28.13
CA ASN B 218 -1.99 19.40 29.07
C ASN B 218 -3.43 19.33 29.59
N GLY B 219 -3.85 18.13 30.06
CA GLY B 219 -5.17 17.96 30.66
C GLY B 219 -6.32 17.93 29.66
N ALA B 220 -6.05 17.95 28.34
CA ALA B 220 -7.08 17.91 27.31
C ALA B 220 -6.94 16.63 26.51
N LEU B 221 -8.04 16.24 25.89
CA LEU B 221 -8.13 15.07 25.08
C LEU B 221 -8.20 15.52 23.63
N TRP B 222 -7.40 14.88 22.79
CA TRP B 222 -7.26 15.20 21.37
C TRP B 222 -7.67 13.97 20.59
N THR B 223 -8.51 14.13 19.57
CA THR B 223 -8.83 13.04 18.66
C THR B 223 -9.23 13.64 17.31
N SER B 224 -9.07 12.84 16.26
CA SER B 224 -9.37 13.29 14.90
C SER B 224 -10.82 13.79 14.74
N SER B 225 -11.05 14.45 13.61
CA SER B 225 -12.37 14.91 13.20
C SER B 225 -13.27 13.72 12.92
N GLY B 226 -12.68 12.59 12.53
CA GLY B 226 -13.48 11.45 12.07
C GLY B 226 -13.92 11.56 10.61
N ARG B 227 -13.50 12.62 9.87
CA ARG B 227 -13.82 12.79 8.46
C ARG B 227 -13.25 11.64 7.63
N TYR B 228 -12.09 11.14 8.03
CA TYR B 228 -11.32 10.15 7.25
C TYR B 228 -11.06 8.86 8.05
N CYS B 229 -11.92 8.49 9.03
CA CYS B 229 -11.80 7.21 9.70
C CYS B 229 -13.14 6.70 10.26
N PHE B 230 -13.08 5.52 10.90
CA PHE B 230 -14.26 4.90 11.47
C PHE B 230 -14.74 5.74 12.63
N ASN B 231 -16.05 6.11 12.65
CA ASN B 231 -16.59 6.93 13.75
C ASN B 231 -17.14 5.97 14.83
N GLY B 232 -16.23 5.41 15.64
CA GLY B 232 -16.55 4.45 16.65
C GLY B 232 -17.49 5.02 17.69
N ILE B 233 -18.35 4.13 18.17
CA ILE B 233 -19.33 4.41 19.21
C ILE B 233 -18.60 4.59 20.52
N THR B 234 -17.51 3.84 20.75
CA THR B 234 -16.67 3.98 21.92
C THR B 234 -16.03 5.37 21.87
N ARG B 235 -15.48 5.71 20.72
CA ARG B 235 -14.99 7.06 20.46
C ARG B 235 -16.00 8.12 20.88
N ALA B 236 -17.22 8.05 20.39
CA ALA B 236 -18.22 9.09 20.67
C ALA B 236 -18.63 9.10 22.16
N THR B 237 -18.70 7.93 22.77
CA THR B 237 -18.96 7.80 24.19
C THR B 237 -17.83 8.44 25.00
N VAL B 238 -16.57 8.18 24.63
CA VAL B 238 -15.47 8.75 25.39
C VAL B 238 -15.47 10.27 25.23
N VAL B 239 -15.71 10.78 24.01
CA VAL B 239 -15.77 12.23 23.87
C VAL B 239 -16.86 12.81 24.80
N ARG B 240 -18.01 12.14 24.84
CA ARG B 240 -19.13 12.64 25.63
C ARG B 240 -18.79 12.59 27.12
N LEU B 241 -18.24 11.47 27.58
CA LEU B 241 -17.84 11.33 28.99
C LEU B 241 -16.80 12.41 29.36
N ALA B 242 -15.84 12.68 28.47
CA ALA B 242 -14.83 13.70 28.76
C ALA B 242 -15.49 15.07 28.95
N ARG B 243 -16.38 15.48 28.03
CA ARG B 243 -17.09 16.76 28.13
C ARG B 243 -17.96 16.82 29.40
N GLU B 244 -18.61 15.71 29.72
CA GLU B 244 -19.37 15.49 30.94
C GLU B 244 -18.49 15.83 32.14
N ALA B 245 -17.25 15.32 32.12
CA ALA B 245 -16.40 15.41 33.30
C ALA B 245 -15.56 16.69 33.34
N GLY B 246 -15.86 17.70 32.49
CA GLY B 246 -15.10 18.94 32.49
C GLY B 246 -13.71 18.83 31.82
N ILE B 247 -13.44 17.75 31.08
CA ILE B 247 -12.15 17.56 30.41
C ILE B 247 -12.29 18.26 29.08
N PRO B 248 -11.47 19.26 28.72
CA PRO B 248 -11.50 19.80 27.37
C PRO B 248 -11.19 18.76 26.28
N VAL B 249 -12.03 18.77 25.22
CA VAL B 249 -11.89 17.86 24.09
C VAL B 249 -11.67 18.68 22.83
N HIS B 250 -10.70 18.23 22.04
CA HIS B 250 -10.28 18.88 20.80
C HIS B 250 -10.42 17.80 19.73
N GLU B 251 -11.52 17.92 18.98
CA GLU B 251 -11.85 17.09 17.84
C GLU B 251 -11.40 17.89 16.64
N GLY B 252 -10.43 17.34 15.91
CA GLY B 252 -9.96 18.05 14.72
C GLY B 252 -8.60 17.56 14.31
N ASP B 253 -7.94 18.38 13.47
CA ASP B 253 -6.68 18.01 12.84
C ASP B 253 -5.52 18.22 13.85
N PHE B 254 -4.74 17.17 14.09
CA PHE B 254 -3.48 17.30 14.86
C PHE B 254 -2.44 16.37 14.25
N THR B 255 -1.20 16.56 14.70
CA THR B 255 -0.05 16.05 14.01
C THR B 255 0.67 15.03 14.87
N LEU B 256 1.60 14.32 14.23
CA LEU B 256 2.53 13.42 14.90
C LEU B 256 3.35 14.20 15.87
N ALA B 257 3.77 15.47 15.53
CA ALA B 257 4.53 16.26 16.49
C ALA B 257 3.73 16.42 17.80
N GLU B 258 2.43 16.76 17.70
CA GLU B 258 1.59 16.92 18.88
C GLU B 258 1.42 15.60 19.65
N VAL B 259 1.38 14.45 18.96
CA VAL B 259 1.26 13.14 19.57
C VAL B 259 2.51 12.83 20.35
N TYR B 260 3.67 13.08 19.72
CA TYR B 260 4.93 12.74 20.29
C TYR B 260 5.15 13.54 21.55
N ALA B 261 4.56 14.74 21.67
CA ALA B 261 4.76 15.55 22.86
C ALA B 261 3.65 15.31 23.90
N ALA B 262 2.79 14.33 23.68
CA ALA B 262 1.62 14.12 24.50
C ALA B 262 2.01 13.49 25.82
N ASP B 263 1.10 13.60 26.79
CA ASP B 263 1.31 13.02 28.11
C ASP B 263 0.83 11.57 28.14
N GLU B 264 -0.25 11.28 27.43
CA GLU B 264 -0.84 9.96 27.45
C GLU B 264 -1.46 9.75 26.06
N ALA B 265 -1.82 8.49 25.81
CA ALA B 265 -2.64 8.18 24.64
C ALA B 265 -3.30 6.82 24.86
N PHE B 266 -4.38 6.60 24.10
CA PHE B 266 -5.13 5.37 24.16
C PHE B 266 -5.95 5.22 22.90
N VAL B 267 -6.41 3.99 22.73
CA VAL B 267 -7.23 3.59 21.61
C VAL B 267 -8.55 3.04 22.13
N THR B 268 -9.61 3.16 21.33
CA THR B 268 -10.95 2.74 21.73
C THR B 268 -11.55 1.75 20.72
N GLY B 269 -12.44 0.91 21.23
CA GLY B 269 -13.24 0.01 20.41
C GLY B 269 -14.11 -0.86 21.30
N THR B 270 -15.18 -1.45 20.74
CA THR B 270 -16.15 -2.20 21.52
C THR B 270 -15.49 -3.36 22.27
N LEU B 271 -14.49 -4.00 21.64
CA LEU B 271 -13.89 -5.24 22.13
C LEU B 271 -13.07 -4.97 23.39
N ALA B 272 -12.09 -4.03 23.31
CA ALA B 272 -11.18 -3.77 24.42
C ALA B 272 -11.62 -2.59 25.29
N GLY B 273 -12.47 -1.71 24.78
CA GLY B 273 -12.87 -0.54 25.55
C GLY B 273 -11.79 0.51 25.29
N LEU B 274 -11.18 1.02 26.35
CA LEU B 274 -10.05 1.91 26.31
C LEU B 274 -8.79 1.08 26.55
N THR B 275 -7.84 1.13 25.60
CA THR B 275 -6.56 0.43 25.75
C THR B 275 -5.50 1.51 25.73
N PRO B 276 -4.69 1.65 26.81
CA PRO B 276 -3.57 2.60 26.78
C PRO B 276 -2.52 2.28 25.73
N VAL B 277 -1.79 3.34 25.38
CA VAL B 277 -0.71 3.30 24.41
C VAL B 277 0.57 3.53 25.21
N SER B 278 1.55 2.66 24.97
CA SER B 278 2.84 2.70 25.63
C SER B 278 3.89 3.35 24.74
N SER B 279 3.70 3.32 23.41
CA SER B 279 4.61 4.09 22.56
C SER B 279 4.01 4.40 21.19
N VAL B 280 4.48 5.49 20.57
CA VAL B 280 4.14 5.83 19.19
C VAL B 280 5.46 6.09 18.45
N ASP B 281 5.70 5.39 17.34
CA ASP B 281 6.94 5.51 16.53
C ASP B 281 8.18 5.44 17.43
N GLY B 282 8.15 4.57 18.43
CA GLY B 282 9.26 4.47 19.38
C GLY B 282 9.35 5.57 20.45
N ARG B 283 8.44 6.55 20.53
CA ARG B 283 8.45 7.56 21.58
C ARG B 283 7.58 7.08 22.75
N ALA B 284 8.17 6.91 23.94
CA ALA B 284 7.48 6.23 25.04
C ALA B 284 6.42 7.16 25.63
N LEU B 285 5.32 6.57 26.07
CA LEU B 285 4.24 7.24 26.79
C LEU B 285 3.91 6.31 27.94
N VAL B 286 3.69 6.88 29.14
CA VAL B 286 3.44 6.06 30.30
C VAL B 286 2.04 5.49 30.07
N PRO B 287 1.85 4.15 30.03
CA PRO B 287 0.50 3.58 29.94
C PRO B 287 -0.31 3.74 31.25
N LEU B 288 -1.63 3.97 31.10
CA LEU B 288 -2.63 4.27 32.11
C LEU B 288 -2.25 5.55 32.85
N GLY B 289 -2.08 6.64 32.08
CA GLY B 289 -1.91 7.95 32.66
C GLY B 289 -3.13 8.40 33.43
N PRO B 290 -3.07 9.51 34.19
CA PRO B 290 -4.17 9.88 35.10
C PRO B 290 -5.50 10.12 34.40
N LEU B 291 -5.51 10.68 33.20
CA LEU B 291 -6.75 10.96 32.50
C LEU B 291 -7.29 9.72 31.78
N THR B 292 -6.40 8.84 31.29
CA THR B 292 -6.85 7.57 30.73
C THR B 292 -7.59 6.77 31.81
N GLN B 293 -7.02 6.71 33.02
CA GLN B 293 -7.64 6.05 34.17
C GLN B 293 -9.04 6.60 34.44
N ARG B 294 -9.14 7.94 34.53
CA ARG B 294 -10.38 8.66 34.82
C ARG B 294 -11.45 8.29 33.78
N LEU B 295 -11.08 8.32 32.49
CA LEU B 295 -12.02 8.06 31.42
C LEU B 295 -12.38 6.58 31.39
N ASP B 296 -11.38 5.74 31.67
CA ASP B 296 -11.62 4.31 31.77
C ASP B 296 -12.64 4.00 32.89
N ALA B 297 -12.50 4.64 34.04
CA ALA B 297 -13.46 4.48 35.13
C ALA B 297 -14.89 4.86 34.71
N LEU B 298 -15.01 6.00 34.02
CA LEU B 298 -16.28 6.55 33.55
C LEU B 298 -16.92 5.65 32.50
N TYR B 299 -16.09 5.06 31.65
CA TYR B 299 -16.56 4.22 30.58
C TYR B 299 -17.17 2.95 31.15
N ARG B 300 -16.41 2.30 32.05
CA ARG B 300 -16.81 1.05 32.69
C ARG B 300 -18.10 1.25 33.50
N ALA B 301 -18.16 2.32 34.29
CA ALA B 301 -19.40 2.74 34.94
C ALA B 301 -20.53 2.86 33.90
N TYR B 302 -20.27 3.47 32.73
CA TYR B 302 -21.32 3.70 31.74
C TYR B 302 -21.87 2.38 31.19
N ILE B 303 -20.99 1.44 30.81
CA ILE B 303 -21.42 0.21 30.18
C ILE B 303 -22.06 -0.76 31.19
N ALA B 304 -21.78 -0.59 32.50
CA ALA B 304 -22.39 -1.36 33.57
C ALA B 304 -23.60 -0.67 34.20
N SER B 305 -24.15 0.41 33.63
CA SER B 305 -25.27 1.18 34.18
C SER B 305 -26.50 0.78 33.39
N ALA B 306 -27.71 1.15 33.84
CA ALA B 306 -28.97 0.72 33.25
C ALA B 306 -29.26 1.35 31.86
N ASN B 307 -28.84 2.62 31.72
CA ASN B 307 -28.95 3.52 30.57
C ASN B 307 -29.86 3.10 29.40
N GLU B 308 -30.67 4.03 28.88
CA GLU B 308 -31.57 3.78 27.75
C GLU B 308 -30.84 3.44 26.43
N ALA B 309 -29.55 3.79 26.31
CA ALA B 309 -28.73 3.43 25.17
C ALA B 309 -28.50 1.93 25.15
N HIS B 310 -28.59 1.25 26.31
CA HIS B 310 -28.32 -0.18 26.41
C HIS B 310 -29.58 -0.98 26.15
N GLY B 311 -29.49 -2.08 25.37
CA GLY B 311 -30.62 -2.98 25.13
C GLY B 311 -30.68 -4.09 26.18
N ALA B 312 -31.85 -4.33 26.78
CA ALA B 312 -31.99 -5.37 27.81
C ALA B 312 -32.05 -6.72 27.13
N LEU B 313 -31.28 -7.68 27.63
CA LEU B 313 -31.53 -9.09 27.36
C LEU B 313 -32.86 -9.50 28.00
N PRO B 314 -33.77 -10.24 27.30
CA PRO B 314 -34.72 -11.12 27.98
C PRO B 314 -34.05 -12.33 28.63
N TYR C 15 -21.37 -14.33 -21.08
CA TYR C 15 -21.32 -15.71 -20.51
C TYR C 15 -22.74 -16.28 -20.60
N ALA C 16 -22.97 -17.18 -21.57
CA ALA C 16 -24.31 -17.58 -22.01
C ALA C 16 -24.64 -19.01 -21.60
N PRO C 17 -25.80 -19.27 -20.93
CA PRO C 17 -25.86 -20.23 -19.83
C PRO C 17 -25.76 -21.70 -20.20
N ASP C 18 -25.46 -22.52 -19.18
CA ASP C 18 -25.14 -23.92 -19.38
C ASP C 18 -25.48 -24.69 -18.12
N ALA C 19 -26.37 -25.71 -18.28
CA ALA C 19 -26.90 -26.48 -17.19
C ALA C 19 -25.83 -27.30 -16.47
N ARG C 20 -24.71 -27.57 -17.14
CA ARG C 20 -23.62 -28.31 -16.52
C ARG C 20 -23.02 -27.53 -15.34
N ASN C 21 -23.14 -26.20 -15.37
CA ASN C 21 -22.69 -25.36 -14.25
C ASN C 21 -23.30 -25.80 -12.92
N ASP C 22 -24.53 -26.36 -12.93
CA ASP C 22 -25.24 -26.67 -11.70
C ASP C 22 -24.64 -27.85 -10.92
N ALA C 23 -23.81 -28.70 -11.57
CA ALA C 23 -23.28 -29.92 -10.96
C ALA C 23 -21.76 -29.97 -10.94
N VAL C 24 -21.06 -28.85 -11.22
CA VAL C 24 -19.59 -28.81 -11.17
C VAL C 24 -19.13 -29.16 -9.75
N LEU C 25 -17.97 -29.84 -9.64
CA LEU C 25 -17.29 -30.05 -8.37
C LEU C 25 -16.31 -28.89 -8.16
N VAL C 26 -16.22 -28.44 -6.90
CA VAL C 26 -15.38 -27.30 -6.50
C VAL C 26 -14.23 -27.85 -5.67
N TYR C 27 -13.04 -27.36 -5.89
CA TYR C 27 -11.89 -27.73 -5.07
C TYR C 27 -11.96 -26.88 -3.80
N VAL C 28 -11.93 -27.55 -2.63
CA VAL C 28 -11.85 -26.92 -1.33
C VAL C 28 -10.84 -27.69 -0.47
N ASN C 29 -9.69 -27.07 -0.15
CA ASN C 29 -8.56 -27.67 0.57
C ASN C 29 -8.37 -29.16 0.31
N GLY C 30 -8.26 -29.54 -0.97
CA GLY C 30 -7.80 -30.87 -1.38
C GLY C 30 -8.95 -31.81 -1.78
N GLN C 31 -10.18 -31.54 -1.30
CA GLN C 31 -11.38 -32.31 -1.54
C GLN C 31 -12.15 -31.67 -2.71
N PHE C 32 -12.94 -32.49 -3.42
CA PHE C 32 -13.78 -32.04 -4.54
C PHE C 32 -15.23 -32.18 -4.13
N VAL C 33 -15.96 -31.07 -4.12
CA VAL C 33 -17.24 -30.97 -3.43
C VAL C 33 -18.31 -30.46 -4.41
N PRO C 34 -19.56 -30.99 -4.38
CA PRO C 34 -20.66 -30.41 -5.15
C PRO C 34 -20.85 -28.92 -4.88
N ARG C 35 -21.14 -28.15 -5.93
CA ARG C 35 -21.18 -26.69 -5.81
C ARG C 35 -22.19 -26.19 -4.76
N HIS C 36 -23.29 -26.95 -4.55
CA HIS C 36 -24.31 -26.67 -3.54
C HIS C 36 -23.71 -26.82 -2.13
N GLN C 37 -22.60 -27.58 -2.00
CA GLN C 37 -22.03 -27.89 -0.70
C GLN C 37 -20.61 -27.37 -0.58
N ALA C 38 -20.15 -26.49 -1.51
CA ALA C 38 -18.83 -25.91 -1.40
C ALA C 38 -18.92 -24.72 -0.43
N VAL C 39 -18.17 -24.82 0.68
CA VAL C 39 -18.30 -24.00 1.86
C VAL C 39 -16.89 -23.73 2.45
N VAL C 40 -16.80 -22.54 3.10
CA VAL C 40 -15.69 -22.14 3.95
C VAL C 40 -16.23 -21.77 5.33
N SER C 41 -15.38 -21.90 6.36
CA SER C 41 -15.68 -21.50 7.73
C SER C 41 -16.01 -20.01 7.82
N VAL C 42 -16.94 -19.66 8.71
CA VAL C 42 -17.25 -18.27 9.02
C VAL C 42 -16.09 -17.60 9.80
N PHE C 43 -15.09 -18.36 10.28
CA PHE C 43 -13.85 -17.82 10.82
C PHE C 43 -12.73 -17.59 9.78
N ASP C 44 -13.01 -17.82 8.50
CA ASP C 44 -12.00 -17.67 7.46
C ASP C 44 -11.77 -16.19 7.17
N ALA C 45 -10.49 -15.76 7.10
CA ALA C 45 -10.11 -14.37 6.81
C ALA C 45 -10.73 -13.81 5.51
N GLY C 46 -11.04 -14.70 4.56
CA GLY C 46 -11.67 -14.28 3.32
C GLY C 46 -13.07 -13.72 3.53
N TYR C 47 -13.91 -14.50 4.21
CA TYR C 47 -15.28 -14.13 4.54
C TYR C 47 -15.30 -12.92 5.49
N VAL C 48 -14.44 -12.93 6.50
CA VAL C 48 -14.50 -11.94 7.57
C VAL C 48 -13.93 -10.58 7.14
N CYS C 49 -12.76 -10.63 6.50
CA CYS C 49 -11.85 -9.49 6.35
C CYS C 49 -11.64 -9.16 4.87
N GLY C 50 -12.14 -10.00 3.93
CA GLY C 50 -11.81 -9.85 2.52
C GLY C 50 -10.35 -10.15 2.22
N ASP C 51 -9.72 -11.00 3.03
CA ASP C 51 -8.27 -11.12 3.15
C ASP C 51 -7.78 -12.36 2.38
N GLY C 52 -7.58 -12.16 1.08
CA GLY C 52 -7.00 -13.13 0.16
C GLY C 52 -6.74 -12.53 -1.21
N VAL C 53 -6.14 -13.34 -2.08
CA VAL C 53 -5.89 -13.03 -3.47
C VAL C 53 -6.51 -14.10 -4.35
N TRP C 54 -6.82 -13.70 -5.58
CA TRP C 54 -7.44 -14.65 -6.49
C TRP C 54 -6.96 -14.46 -7.93
N GLU C 55 -7.28 -15.46 -8.76
CA GLU C 55 -6.95 -15.41 -10.20
C GLU C 55 -8.08 -16.08 -11.00
N GLY C 56 -8.40 -15.47 -12.15
CA GLY C 56 -9.23 -16.09 -13.16
C GLY C 56 -8.35 -16.54 -14.32
N VAL C 57 -8.43 -17.82 -14.73
CA VAL C 57 -7.72 -18.33 -15.87
C VAL C 57 -8.72 -19.05 -16.79
N ARG C 58 -8.49 -18.96 -18.10
CA ARG C 58 -9.40 -19.41 -19.13
C ARG C 58 -8.72 -20.62 -19.79
N LEU C 59 -9.52 -21.67 -20.02
CA LEU C 59 -9.09 -22.88 -20.73
C LEU C 59 -9.60 -22.78 -22.16
N VAL C 60 -8.67 -22.84 -23.12
CA VAL C 60 -8.97 -22.73 -24.55
C VAL C 60 -8.29 -23.90 -25.26
N ASP C 61 -9.10 -24.78 -25.83
CA ASP C 61 -8.63 -25.90 -26.65
C ASP C 61 -7.46 -26.62 -25.96
N GLY C 62 -7.62 -26.94 -24.68
CA GLY C 62 -6.68 -27.75 -23.93
C GLY C 62 -5.53 -26.96 -23.33
N ARG C 63 -5.53 -25.62 -23.40
CA ARG C 63 -4.46 -24.80 -22.83
C ARG C 63 -5.03 -23.76 -21.87
N ILE C 64 -4.38 -23.59 -20.72
CA ILE C 64 -4.70 -22.57 -19.75
C ILE C 64 -3.93 -21.31 -20.15
N VAL C 65 -4.69 -20.28 -20.54
CA VAL C 65 -4.16 -19.08 -21.22
C VAL C 65 -3.34 -18.30 -20.19
N SER C 66 -2.07 -18.07 -20.52
CA SER C 66 -1.17 -17.21 -19.75
C SER C 66 -0.97 -17.76 -18.32
N PHE C 67 -0.96 -19.09 -18.21
CA PHE C 67 -1.16 -19.73 -16.94
C PHE C 67 -0.09 -19.27 -15.95
N ASP C 68 1.21 -19.48 -16.29
CA ASP C 68 2.31 -19.04 -15.45
C ASP C 68 2.30 -17.52 -15.14
N ALA C 69 1.79 -16.68 -16.05
CA ALA C 69 1.70 -15.26 -15.74
C ALA C 69 0.71 -15.01 -14.61
N HIS C 70 -0.45 -15.70 -14.66
CA HIS C 70 -1.43 -15.59 -13.60
C HIS C 70 -0.85 -16.11 -12.29
N ILE C 71 -0.08 -17.18 -12.31
CA ILE C 71 0.40 -17.75 -11.07
C ILE C 71 1.50 -16.83 -10.48
N ASP C 72 2.36 -16.26 -11.32
CA ASP C 72 3.32 -15.25 -10.89
C ASP C 72 2.65 -14.08 -10.18
N ARG C 73 1.59 -13.57 -10.80
CA ARG C 73 0.83 -12.48 -10.26
C ARG C 73 0.28 -12.85 -8.88
N MET C 74 -0.37 -14.03 -8.76
CA MET C 74 -0.90 -14.48 -7.50
C MET C 74 0.18 -14.46 -6.44
N TYR C 75 1.35 -15.05 -6.71
CA TYR C 75 2.46 -15.16 -5.78
C TYR C 75 3.00 -13.78 -5.38
N GLU C 76 2.99 -12.80 -6.30
CA GLU C 76 3.41 -11.45 -5.99
C GLU C 76 2.37 -10.77 -5.11
N GLY C 77 1.09 -10.88 -5.46
CA GLY C 77 0.03 -10.29 -4.68
C GLY C 77 -0.04 -10.88 -3.29
N ALA C 78 0.02 -12.19 -3.15
CA ALA C 78 0.13 -12.80 -1.83
C ALA C 78 1.30 -12.23 -1.04
N LYS C 79 2.46 -12.20 -1.69
CA LYS C 79 3.65 -11.62 -1.08
C LYS C 79 3.39 -10.18 -0.59
N SER C 80 2.64 -9.40 -1.33
CA SER C 80 2.45 -8.01 -0.95
C SER C 80 1.66 -7.85 0.37
N ILE C 81 0.71 -8.76 0.65
CA ILE C 81 -0.05 -8.78 1.90
C ILE C 81 0.45 -9.89 2.87
N ALA C 82 1.68 -10.39 2.66
CA ALA C 82 2.40 -11.29 3.57
C ALA C 82 1.60 -12.56 3.81
N LEU C 83 0.98 -13.06 2.75
CA LEU C 83 0.16 -14.24 2.78
C LEU C 83 0.96 -15.37 2.20
N ASP C 84 1.08 -16.43 2.99
CA ASP C 84 1.71 -17.69 2.64
C ASP C 84 0.67 -18.55 1.92
N ILE C 85 0.85 -18.81 0.61
CA ILE C 85 -0.08 -19.65 -0.14
C ILE C 85 -0.04 -21.11 0.39
N GLY C 86 1.06 -21.54 1.01
CA GLY C 86 1.18 -22.89 1.54
C GLY C 86 1.58 -23.89 0.47
N MET C 87 1.93 -23.44 -0.75
CA MET C 87 2.08 -24.37 -1.88
C MET C 87 3.16 -23.81 -2.81
N THR C 88 3.86 -24.72 -3.49
CA THR C 88 4.75 -24.34 -4.59
C THR C 88 3.89 -23.94 -5.77
N ARG C 89 4.52 -23.20 -6.71
CA ARG C 89 3.90 -22.84 -7.96
C ARG C 89 3.32 -24.07 -8.66
N ALA C 90 4.09 -25.16 -8.68
CA ALA C 90 3.67 -26.45 -9.24
C ALA C 90 2.37 -26.96 -8.62
N GLN C 91 2.27 -26.87 -7.30
CA GLN C 91 1.13 -27.42 -6.58
C GLN C 91 -0.09 -26.56 -6.84
N THR C 92 0.12 -25.23 -6.85
CA THR C 92 -0.94 -24.30 -7.16
C THR C 92 -1.52 -24.58 -8.54
N LYS C 93 -0.65 -24.83 -9.53
CA LYS C 93 -1.13 -25.14 -10.88
C LYS C 93 -1.92 -26.44 -10.93
N GLN C 94 -1.43 -27.47 -10.23
CA GLN C 94 -2.12 -28.76 -10.20
C GLN C 94 -3.54 -28.66 -9.63
N VAL C 95 -3.75 -27.77 -8.65
CA VAL C 95 -5.08 -27.45 -8.14
C VAL C 95 -5.99 -27.01 -9.28
N VAL C 96 -5.51 -26.15 -10.15
CA VAL C 96 -6.33 -25.66 -11.23
C VAL C 96 -6.55 -26.77 -12.24
N VAL C 97 -5.45 -27.40 -12.67
CA VAL C 97 -5.49 -28.54 -13.59
C VAL C 97 -6.47 -29.61 -13.08
N ASP C 98 -6.32 -30.06 -11.84
CA ASP C 98 -7.27 -31.03 -11.30
C ASP C 98 -8.71 -30.52 -11.27
N THR C 99 -8.95 -29.19 -11.15
CA THR C 99 -10.33 -28.72 -11.10
C THR C 99 -10.95 -28.86 -12.49
N PHE C 100 -10.26 -28.32 -13.52
CA PHE C 100 -10.66 -28.57 -14.91
C PHE C 100 -10.89 -30.07 -15.20
N LEU C 101 -9.91 -30.92 -14.82
CA LEU C 101 -9.98 -32.35 -15.13
C LEU C 101 -11.20 -33.01 -14.49
N ARG C 102 -11.43 -32.71 -13.21
CA ARG C 102 -12.52 -33.29 -12.42
C ARG C 102 -13.89 -32.99 -13.02
N ASN C 103 -14.04 -31.86 -13.74
CA ASN C 103 -15.30 -31.48 -14.38
C ASN C 103 -15.30 -31.80 -15.88
N GLY C 104 -14.33 -32.59 -16.36
CA GLY C 104 -14.26 -33.01 -17.76
C GLY C 104 -14.26 -31.83 -18.74
N MET C 105 -13.59 -30.74 -18.36
CA MET C 105 -13.53 -29.52 -19.16
C MET C 105 -12.25 -29.50 -19.99
N ARG C 106 -12.34 -29.37 -21.31
CA ARG C 106 -11.17 -29.16 -22.15
C ARG C 106 -11.18 -27.77 -22.82
N ASP C 107 -12.33 -27.09 -22.86
CA ASP C 107 -12.47 -25.85 -23.61
C ASP C 107 -13.68 -25.08 -23.10
N GLY C 108 -13.63 -23.75 -23.27
CA GLY C 108 -14.80 -22.93 -23.03
C GLY C 108 -15.10 -22.83 -21.54
N ALA C 109 -14.03 -22.81 -20.75
CA ALA C 109 -14.16 -22.89 -19.32
C ALA C 109 -13.21 -21.88 -18.70
N HIS C 110 -13.64 -21.43 -17.51
CA HIS C 110 -12.98 -20.42 -16.72
C HIS C 110 -12.86 -20.97 -15.30
N ALA C 111 -11.66 -20.86 -14.70
CA ALA C 111 -11.42 -21.19 -13.30
C ALA C 111 -11.04 -19.95 -12.50
N ARG C 112 -11.77 -19.72 -11.38
CA ARG C 112 -11.45 -18.77 -10.33
C ARG C 112 -10.76 -19.48 -9.17
N LEU C 113 -9.48 -19.16 -8.95
CA LEU C 113 -8.67 -19.73 -7.89
C LEU C 113 -8.61 -18.72 -6.76
N MET C 114 -9.13 -19.09 -5.59
CA MET C 114 -9.21 -18.16 -4.46
C MET C 114 -8.37 -18.72 -3.33
N VAL C 115 -7.42 -17.91 -2.85
CA VAL C 115 -6.58 -18.29 -1.74
C VAL C 115 -6.69 -17.20 -0.68
N THR C 116 -7.39 -17.54 0.41
CA THR C 116 -7.60 -16.63 1.53
C THR C 116 -6.68 -17.03 2.68
N ARG C 117 -6.51 -16.14 3.66
CA ARG C 117 -5.38 -16.27 4.56
C ARG C 117 -5.54 -17.49 5.44
N GLY C 118 -6.79 -17.87 5.77
CA GLY C 118 -7.10 -19.10 6.48
C GLY C 118 -8.11 -18.83 7.62
N VAL C 119 -8.31 -19.82 8.49
CA VAL C 119 -9.21 -19.72 9.64
C VAL C 119 -8.48 -19.10 10.82
N LYS C 120 -9.16 -18.30 11.65
CA LYS C 120 -8.58 -17.73 12.87
C LYS C 120 -9.40 -18.18 14.06
N LYS C 121 -8.74 -18.33 15.23
CA LYS C 121 -9.40 -18.79 16.45
C LYS C 121 -10.50 -17.78 16.78
N THR C 122 -10.22 -16.49 16.57
CA THR C 122 -11.21 -15.43 16.70
C THR C 122 -11.04 -14.44 15.55
N PRO C 123 -12.14 -13.87 15.00
CA PRO C 123 -12.02 -12.85 13.96
C PRO C 123 -11.29 -11.61 14.47
N ASN C 124 -10.18 -11.31 13.79
CA ASN C 124 -9.41 -10.09 13.97
C ASN C 124 -8.71 -9.79 12.63
N GLN C 125 -7.89 -8.70 12.62
CA GLN C 125 -7.09 -8.29 11.46
C GLN C 125 -5.66 -8.87 11.47
N ASP C 126 -5.18 -9.25 12.65
CA ASP C 126 -3.81 -9.71 12.78
C ASP C 126 -3.56 -10.97 11.96
N PRO C 127 -2.65 -10.89 10.96
CA PRO C 127 -2.44 -11.98 10.02
C PRO C 127 -1.64 -13.16 10.55
N ARG C 128 -1.08 -13.05 11.77
CA ARG C 128 -0.26 -14.10 12.33
C ARG C 128 -1.07 -15.22 12.98
N PHE C 129 -2.32 -14.97 13.42
CA PHE C 129 -2.92 -15.84 14.43
C PHE C 129 -3.76 -16.94 13.73
N ILE C 130 -3.18 -17.61 12.71
CA ILE C 130 -3.88 -18.44 11.73
C ILE C 130 -3.70 -19.92 12.06
N ILE C 131 -4.78 -20.70 12.05
CA ILE C 131 -4.74 -22.15 12.29
C ILE C 131 -4.79 -22.82 10.92
N GLY C 132 -3.91 -23.81 10.72
CA GLY C 132 -3.66 -24.39 9.42
C GLY C 132 -2.97 -23.38 8.51
N GLY C 133 -3.19 -23.59 7.21
CA GLY C 133 -2.68 -22.69 6.21
C GLY C 133 -3.80 -22.01 5.46
N ALA C 134 -3.40 -21.49 4.30
CA ALA C 134 -4.29 -20.79 3.41
C ALA C 134 -5.50 -21.67 3.09
N THR C 135 -6.68 -21.05 3.01
CA THR C 135 -7.81 -21.70 2.38
C THR C 135 -7.61 -21.56 0.87
N VAL C 136 -7.78 -22.65 0.15
CA VAL C 136 -7.65 -22.71 -1.29
C VAL C 136 -8.97 -23.24 -1.87
N VAL C 137 -9.61 -22.40 -2.69
CA VAL C 137 -10.81 -22.76 -3.42
C VAL C 137 -10.58 -22.55 -4.90
N CYS C 138 -11.07 -23.49 -5.72
CA CYS C 138 -11.08 -23.35 -7.16
C CYS C 138 -12.45 -23.71 -7.70
N VAL C 139 -13.13 -22.71 -8.25
CA VAL C 139 -14.39 -22.86 -8.96
C VAL C 139 -14.09 -22.79 -10.45
N ALA C 140 -14.38 -23.88 -11.14
CA ALA C 140 -14.36 -23.96 -12.59
C ALA C 140 -15.79 -24.03 -13.07
N GLU C 141 -16.10 -23.19 -14.09
CA GLU C 141 -17.40 -23.19 -14.75
C GLU C 141 -17.24 -23.16 -16.28
N HIS C 142 -18.31 -23.56 -16.98
CA HIS C 142 -18.48 -23.43 -18.43
C HIS C 142 -18.94 -22.00 -18.73
N LYS C 143 -18.07 -21.20 -19.36
CA LYS C 143 -18.27 -19.75 -19.49
C LYS C 143 -17.81 -19.35 -20.89
N VAL C 144 -18.74 -19.39 -21.86
CA VAL C 144 -18.50 -19.05 -23.25
C VAL C 144 -19.39 -17.84 -23.57
N VAL C 145 -18.78 -16.72 -24.04
CA VAL C 145 -19.49 -15.50 -24.38
C VAL C 145 -20.15 -15.70 -25.74
N THR C 146 -21.50 -15.62 -25.79
CA THR C 146 -22.27 -15.73 -27.03
C THR C 146 -22.08 -14.42 -27.80
N PRO C 147 -21.51 -14.41 -29.03
CA PRO C 147 -20.95 -13.20 -29.63
C PRO C 147 -21.98 -12.14 -30.05
N GLU C 148 -23.27 -12.36 -29.68
CA GLU C 148 -24.30 -11.34 -29.60
C GLU C 148 -23.97 -10.34 -28.48
N ALA C 149 -23.38 -10.83 -27.38
CA ALA C 149 -22.80 -9.99 -26.34
C ALA C 149 -21.57 -9.22 -26.86
N LYS C 150 -20.70 -9.89 -27.64
CA LYS C 150 -19.60 -9.19 -28.31
C LYS C 150 -20.20 -8.07 -29.16
N ARG C 151 -21.14 -8.38 -30.06
CA ARG C 151 -21.65 -7.45 -31.07
C ARG C 151 -22.29 -6.21 -30.44
N ASN C 152 -23.03 -6.33 -29.34
CA ASN C 152 -23.78 -5.21 -28.83
C ASN C 152 -22.89 -4.34 -27.92
N GLY C 153 -22.02 -5.00 -27.12
CA GLY C 153 -21.05 -4.33 -26.26
C GLY C 153 -21.67 -3.73 -24.99
N LEU C 154 -20.91 -2.88 -24.29
CA LEU C 154 -21.26 -2.39 -22.94
C LEU C 154 -21.47 -0.88 -22.94
N LYS C 155 -22.47 -0.45 -22.14
CA LYS C 155 -22.60 0.93 -21.74
C LYS C 155 -21.69 1.14 -20.52
N LEU C 156 -20.88 2.24 -20.57
CA LEU C 156 -19.98 2.67 -19.50
C LEU C 156 -20.50 3.99 -18.94
N PHE C 157 -20.40 4.12 -17.64
CA PHE C 157 -20.58 5.43 -17.04
C PHE C 157 -19.38 5.74 -16.16
N THR C 158 -18.87 6.98 -16.24
CA THR C 158 -17.71 7.34 -15.41
C THR C 158 -18.19 7.71 -13.99
N SER C 159 -18.04 6.74 -13.06
CA SER C 159 -18.28 6.95 -11.66
C SER C 159 -17.51 8.15 -11.08
N THR C 160 -18.13 8.69 -10.03
CA THR C 160 -17.54 9.73 -9.23
C THR C 160 -16.46 9.14 -8.33
N LEU C 161 -16.48 7.81 -8.09
CA LEU C 161 -15.54 7.11 -7.23
C LEU C 161 -14.28 6.78 -8.00
N ARG C 162 -13.14 6.98 -7.32
CA ARG C 162 -11.83 7.10 -7.91
C ARG C 162 -11.05 5.86 -7.56
N CYS C 163 -10.15 5.49 -8.49
CA CYS C 163 -9.06 4.61 -8.21
C CYS C 163 -8.20 5.22 -7.11
N SER C 164 -7.58 4.35 -6.27
CA SER C 164 -6.70 4.81 -5.19
C SER C 164 -5.26 4.81 -5.70
N GLY C 165 -4.45 5.68 -5.12
CA GLY C 165 -3.02 5.54 -5.18
C GLY C 165 -2.50 4.37 -4.32
N PRO C 166 -1.28 3.86 -4.61
CA PRO C 166 -0.71 2.71 -3.92
C PRO C 166 -0.49 2.84 -2.41
N ASP C 167 -0.23 4.03 -1.92
CA ASP C 167 -0.21 4.31 -0.49
C ASP C 167 -1.56 4.29 0.23
N VAL C 168 -2.69 4.25 -0.51
CA VAL C 168 -4.03 4.08 0.05
C VAL C 168 -4.47 2.62 -0.10
N PHE C 169 -4.45 2.12 -1.32
CA PHE C 169 -4.76 0.73 -1.62
C PHE C 169 -4.31 0.49 -3.06
N ASP C 170 -3.32 -0.37 -3.24
CA ASP C 170 -2.76 -0.64 -4.56
C ASP C 170 -3.72 -1.47 -5.37
N LEU C 171 -4.16 -0.91 -6.50
CA LEU C 171 -5.12 -1.59 -7.36
C LEU C 171 -4.54 -2.65 -8.32
N ARG C 172 -3.23 -2.87 -8.30
CA ARG C 172 -2.62 -4.03 -8.95
C ARG C 172 -2.93 -5.37 -8.27
N LEU C 173 -3.38 -5.31 -6.99
CA LEU C 173 -3.63 -6.51 -6.21
C LEU C 173 -5.00 -7.07 -6.61
N SER C 175 -7.68 -8.93 -5.21
CA SER C 175 -7.94 -9.28 -3.83
C SER C 175 -9.41 -9.63 -3.58
N HIS C 176 -9.66 -10.13 -2.36
CA HIS C 176 -11.00 -10.44 -1.84
C HIS C 176 -11.67 -9.23 -1.18
N SER C 177 -11.05 -8.03 -1.28
CA SER C 177 -11.61 -6.81 -0.77
C SER C 177 -12.09 -5.95 -1.95
N ARG C 178 -13.35 -6.03 -2.37
CA ARG C 178 -13.75 -5.48 -3.67
C ARG C 178 -14.85 -4.43 -3.55
N LEU C 179 -15.15 -3.93 -2.33
CA LEU C 179 -16.19 -2.95 -2.19
C LEU C 179 -15.79 -1.64 -2.86
N ASN C 180 -14.47 -1.40 -3.00
CA ASN C 180 -13.98 -0.19 -3.68
C ASN C 180 -14.46 -0.14 -5.14
N LEU C 181 -14.41 -1.28 -5.82
CA LEU C 181 -14.84 -1.41 -7.20
C LEU C 181 -16.34 -1.54 -7.29
N ILE C 182 -16.95 -2.32 -6.38
CA ILE C 182 -18.39 -2.56 -6.37
C ILE C 182 -19.14 -1.24 -6.23
N GLN C 183 -18.65 -0.33 -5.41
CA GLN C 183 -19.34 0.94 -5.20
C GLN C 183 -19.33 1.78 -6.48
N ALA C 184 -18.25 1.77 -7.23
CA ALA C 184 -18.20 2.43 -8.53
C ALA C 184 -19.23 1.82 -9.48
N LEU C 185 -19.40 0.48 -9.45
CA LEU C 185 -20.38 -0.22 -10.27
C LEU C 185 -21.81 0.18 -9.91
N ILE C 186 -22.12 0.22 -8.61
CA ILE C 186 -23.44 0.60 -8.15
C ILE C 186 -23.85 1.92 -8.78
N GLN C 187 -23.00 2.93 -8.69
CA GLN C 187 -23.34 4.20 -9.28
C GLN C 187 -23.55 4.10 -10.80
N ALA C 188 -22.66 3.43 -11.54
CA ALA C 188 -22.79 3.30 -12.99
C ALA C 188 -24.11 2.61 -13.40
N ILE C 189 -24.51 1.54 -12.68
CA ILE C 189 -25.80 0.87 -12.90
C ILE C 189 -26.93 1.87 -12.72
N GLN C 190 -26.88 2.69 -11.66
CA GLN C 190 -27.92 3.67 -11.41
C GLN C 190 -27.91 4.73 -12.52
N ALA C 191 -26.82 4.87 -13.28
CA ALA C 191 -26.83 5.78 -14.41
C ALA C 191 -27.38 5.13 -15.68
N GLY C 192 -27.79 3.85 -15.62
CA GLY C 192 -28.35 3.12 -16.76
C GLY C 192 -27.26 2.36 -17.51
N ALA C 193 -26.04 2.22 -16.93
CA ALA C 193 -24.92 1.59 -17.61
C ALA C 193 -24.67 0.20 -17.05
N ASP C 194 -23.71 -0.51 -17.69
CA ASP C 194 -23.37 -1.91 -17.42
C ASP C 194 -22.08 -2.09 -16.64
N GLU C 195 -21.19 -1.09 -16.70
CA GLU C 195 -19.86 -1.14 -16.12
C GLU C 195 -19.49 0.28 -15.74
N ALA C 196 -18.54 0.44 -14.79
CA ALA C 196 -18.08 1.75 -14.40
C ALA C 196 -16.70 2.02 -15.00
N LEU C 197 -16.54 3.19 -15.65
CA LEU C 197 -15.23 3.77 -15.93
C LEU C 197 -14.83 4.55 -14.68
N MET C 198 -13.57 4.49 -14.31
CA MET C 198 -13.03 5.16 -13.15
C MET C 198 -11.90 6.06 -13.59
N LEU C 199 -11.81 7.22 -12.90
CA LEU C 199 -10.63 8.08 -13.05
C LEU C 199 -9.62 7.77 -11.97
N ASP C 200 -8.35 8.10 -12.28
CA ASP C 200 -7.22 8.05 -11.36
C ASP C 200 -7.30 9.26 -10.42
N PRO C 201 -6.44 9.37 -9.37
CA PRO C 201 -6.48 10.52 -8.46
C PRO C 201 -6.21 11.85 -9.14
N ASN C 202 -5.71 11.83 -10.39
CA ASN C 202 -5.40 13.08 -11.05
C ASN C 202 -6.50 13.48 -12.03
N GLY C 203 -7.52 12.60 -12.21
CA GLY C 203 -8.62 12.86 -13.11
C GLY C 203 -8.45 12.24 -14.49
N PHE C 204 -7.39 11.49 -14.79
CA PHE C 204 -7.26 10.86 -16.12
C PHE C 204 -8.01 9.51 -16.11
N VAL C 205 -8.40 9.01 -17.30
CA VAL C 205 -9.05 7.72 -17.41
C VAL C 205 -8.10 6.64 -16.88
N SER C 206 -8.60 5.75 -16.01
CA SER C 206 -7.77 4.71 -15.43
C SER C 206 -8.18 3.36 -15.99
N SER C 207 -9.32 2.85 -15.53
CA SER C 207 -9.80 1.52 -15.87
C SER C 207 -11.30 1.44 -15.59
N CYS C 208 -11.86 0.26 -15.88
CA CYS C 208 -13.20 -0.11 -15.49
C CYS C 208 -13.19 -0.88 -14.17
N ASN C 209 -14.38 -0.97 -13.55
CA ASN C 209 -14.49 -1.60 -12.25
C ASN C 209 -14.11 -3.08 -12.26
N SER C 210 -14.25 -3.81 -13.39
CA SER C 210 -14.00 -5.27 -13.41
C SER C 210 -13.14 -5.71 -14.60
N THR C 211 -12.81 -4.76 -15.48
CA THR C 211 -12.09 -4.96 -16.74
C THR C 211 -11.15 -3.74 -16.94
N ASN C 212 -10.17 -3.87 -17.86
CA ASN C 212 -9.34 -2.77 -18.28
C ASN C 212 -10.00 -1.99 -19.42
N PHE C 213 -9.50 -0.78 -19.71
CA PHE C 213 -10.16 0.09 -20.65
C PHE C 213 -9.22 0.56 -21.77
N PHE C 214 -9.72 0.45 -22.99
CA PHE C 214 -9.03 0.96 -24.15
C PHE C 214 -9.96 1.86 -24.93
N ALA C 215 -9.39 2.88 -25.54
CA ALA C 215 -10.07 3.67 -26.55
C ALA C 215 -9.24 3.61 -27.83
N VAL C 216 -9.98 3.79 -28.94
CA VAL C 216 -9.40 3.89 -30.27
C VAL C 216 -9.68 5.28 -30.84
N ARG C 217 -8.62 5.93 -31.32
CA ARG C 217 -8.64 7.31 -31.79
C ARG C 217 -7.57 7.41 -32.86
N ASN C 218 -7.94 7.95 -34.04
CA ASN C 218 -7.04 8.11 -35.17
C ASN C 218 -6.25 6.82 -35.43
N GLY C 219 -6.93 5.66 -35.49
CA GLY C 219 -6.33 4.36 -35.78
C GLY C 219 -5.22 3.95 -34.81
N ALA C 220 -5.23 4.46 -33.59
CA ALA C 220 -4.27 4.09 -32.57
C ALA C 220 -5.06 3.70 -31.33
N LEU C 221 -4.38 2.92 -30.49
CA LEU C 221 -4.97 2.37 -29.31
C LEU C 221 -4.42 3.13 -28.12
N TRP C 222 -5.33 3.53 -27.22
CA TRP C 222 -5.04 4.34 -26.05
C TRP C 222 -5.45 3.54 -24.83
N THR C 223 -4.60 3.45 -23.83
CA THR C 223 -4.96 2.87 -22.56
C THR C 223 -4.11 3.53 -21.45
N SER C 224 -4.63 3.49 -20.22
CA SER C 224 -3.94 4.09 -19.08
C SER C 224 -2.52 3.53 -18.90
N SER C 225 -1.74 4.27 -18.09
CA SER C 225 -0.39 3.90 -17.69
C SER C 225 -0.44 2.61 -16.90
N GLY C 226 -1.54 2.35 -16.20
CA GLY C 226 -1.67 1.22 -15.30
C GLY C 226 -1.07 1.50 -13.92
N ARG C 227 -0.58 2.73 -13.69
CA ARG C 227 -0.05 3.12 -12.38
C ARG C 227 -1.15 3.09 -11.30
N TYR C 228 -2.40 3.36 -11.70
CA TYR C 228 -3.51 3.46 -10.74
C TYR C 228 -4.64 2.45 -11.02
N CYS C 229 -4.35 1.32 -11.69
CA CYS C 229 -5.39 0.31 -11.87
C CYS C 229 -4.83 -1.10 -11.96
N PHE C 230 -5.75 -2.08 -12.13
CA PHE C 230 -5.35 -3.47 -12.24
C PHE C 230 -4.59 -3.60 -13.53
N ASN C 231 -3.39 -4.20 -13.50
CA ASN C 231 -2.62 -4.44 -14.72
C ASN C 231 -3.02 -5.81 -15.28
N GLY C 232 -4.14 -5.86 -16.01
CA GLY C 232 -4.67 -7.08 -16.57
C GLY C 232 -3.69 -7.72 -17.55
N ILE C 233 -3.68 -9.07 -17.53
CA ILE C 233 -2.89 -9.85 -18.45
C ILE C 233 -3.49 -9.73 -19.85
N THR C 234 -4.82 -9.64 -19.96
CA THR C 234 -5.47 -9.41 -21.25
C THR C 234 -5.02 -8.04 -21.80
N ARG C 235 -5.09 -7.03 -20.94
CA ARG C 235 -4.51 -5.72 -21.26
C ARG C 235 -3.08 -5.83 -21.84
N ALA C 236 -2.18 -6.50 -21.13
CA ALA C 236 -0.78 -6.56 -21.52
C ALA C 236 -0.62 -7.32 -22.84
N THR C 237 -1.41 -8.38 -23.03
CA THR C 237 -1.41 -9.15 -24.26
C THR C 237 -1.91 -8.27 -25.40
N VAL C 238 -2.97 -7.51 -25.18
CA VAL C 238 -3.52 -6.73 -26.29
C VAL C 238 -2.50 -5.65 -26.70
N VAL C 239 -1.88 -5.00 -25.70
CA VAL C 239 -0.84 -4.02 -26.05
C VAL C 239 0.29 -4.70 -26.83
N ARG C 240 0.71 -5.91 -26.41
CA ARG C 240 1.86 -6.56 -27.03
C ARG C 240 1.50 -6.97 -28.46
N LEU C 241 0.32 -7.56 -28.67
CA LEU C 241 -0.11 -7.94 -30.01
C LEU C 241 -0.19 -6.70 -30.90
N ALA C 242 -0.71 -5.58 -30.38
CA ALA C 242 -0.78 -4.35 -31.17
C ALA C 242 0.63 -3.91 -31.61
N ARG C 243 1.59 -3.84 -30.68
CA ARG C 243 2.97 -3.42 -30.98
C ARG C 243 3.64 -4.36 -31.97
N GLU C 244 3.41 -5.66 -31.78
CA GLU C 244 3.92 -6.68 -32.69
C GLU C 244 3.34 -6.44 -34.07
N ALA C 245 2.08 -6.06 -34.17
CA ALA C 245 1.45 -5.93 -35.48
C ALA C 245 1.65 -4.55 -36.12
N GLY C 246 2.42 -3.63 -35.53
CA GLY C 246 2.53 -2.27 -36.04
C GLY C 246 1.26 -1.41 -35.87
N ILE C 247 0.36 -1.79 -34.93
CA ILE C 247 -0.76 -0.93 -34.55
C ILE C 247 -0.21 0.04 -33.52
N PRO C 248 -0.23 1.37 -33.74
CA PRO C 248 0.27 2.30 -32.72
C PRO C 248 -0.49 2.24 -31.38
N VAL C 249 0.27 2.17 -30.27
CA VAL C 249 -0.26 2.01 -28.93
C VAL C 249 0.32 3.10 -28.03
N HIS C 250 -0.54 3.76 -27.25
CA HIS C 250 -0.15 4.82 -26.35
C HIS C 250 -0.68 4.41 -24.97
N GLU C 251 0.28 4.05 -24.10
CA GLU C 251 0.05 3.70 -22.72
C GLU C 251 0.36 4.96 -21.91
N GLY C 252 -0.64 5.67 -21.38
CA GLY C 252 -0.33 6.90 -20.64
C GLY C 252 -1.60 7.63 -20.32
N ASP C 253 -1.48 8.91 -19.95
CA ASP C 253 -2.59 9.67 -19.39
C ASP C 253 -3.43 10.24 -20.52
N PHE C 254 -4.74 9.99 -20.46
CA PHE C 254 -5.68 10.60 -21.39
C PHE C 254 -6.98 10.87 -20.64
N THR C 255 -7.80 11.72 -21.27
CA THR C 255 -8.92 12.34 -20.61
C THR C 255 -10.23 11.81 -21.19
N LEU C 256 -11.29 12.11 -20.47
CA LEU C 256 -12.66 11.93 -20.90
C LEU C 256 -12.90 12.65 -22.19
N ALA C 257 -12.33 13.85 -22.40
CA ALA C 257 -12.52 14.55 -23.68
C ALA C 257 -12.01 13.69 -24.85
N GLU C 258 -10.83 13.07 -24.65
CA GLU C 258 -10.24 12.20 -25.65
C GLU C 258 -11.09 10.96 -25.89
N VAL C 259 -11.75 10.43 -24.84
CA VAL C 259 -12.61 9.27 -24.92
C VAL C 259 -13.87 9.62 -25.71
N TYR C 260 -14.45 10.77 -25.38
CA TYR C 260 -15.69 11.23 -26.00
C TYR C 260 -15.48 11.45 -27.48
N ALA C 261 -14.25 11.75 -27.92
CA ALA C 261 -13.98 11.98 -29.32
C ALA C 261 -13.48 10.73 -30.02
N ALA C 262 -13.48 9.58 -29.34
CA ALA C 262 -12.83 8.38 -29.83
C ALA C 262 -13.72 7.71 -30.89
N ASP C 263 -13.10 6.91 -31.77
CA ASP C 263 -13.80 6.19 -32.83
C ASP C 263 -14.37 4.88 -32.30
N GLU C 264 -13.66 4.22 -31.39
CA GLU C 264 -14.08 2.95 -30.83
C GLU C 264 -13.60 2.91 -29.37
N ALA C 265 -14.04 1.88 -28.64
CA ALA C 265 -13.49 1.53 -27.35
C ALA C 265 -13.88 0.09 -27.02
N PHE C 266 -13.13 -0.49 -26.09
CA PHE C 266 -13.37 -1.81 -25.59
C PHE C 266 -12.74 -1.97 -24.23
N VAL C 267 -13.22 -3.01 -23.54
CA VAL C 267 -12.73 -3.42 -22.24
C VAL C 267 -12.16 -4.83 -22.33
N THR C 268 -11.18 -5.14 -21.46
CA THR C 268 -10.49 -6.42 -21.52
C THR C 268 -10.56 -7.12 -20.15
N GLY C 269 -10.53 -8.45 -20.21
CA GLY C 269 -10.42 -9.27 -19.02
C GLY C 269 -10.44 -10.71 -19.43
N THR C 270 -9.98 -11.60 -18.52
CA THR C 270 -9.83 -13.02 -18.86
C THR C 270 -11.17 -13.63 -19.27
N LEU C 271 -12.27 -13.20 -18.62
CA LEU C 271 -13.59 -13.81 -18.73
C LEU C 271 -14.18 -13.56 -20.12
N ALA C 272 -14.25 -12.28 -20.55
CA ALA C 272 -14.90 -11.90 -21.80
C ALA C 272 -13.90 -11.73 -22.94
N GLY C 273 -12.61 -11.53 -22.64
CA GLY C 273 -11.65 -11.28 -23.71
C GLY C 273 -11.70 -9.79 -24.02
N LEU C 274 -11.98 -9.42 -25.27
CA LEU C 274 -12.20 -8.04 -25.66
C LEU C 274 -13.72 -7.84 -25.78
N THR C 275 -14.31 -6.91 -25.00
CA THR C 275 -15.73 -6.60 -25.09
C THR C 275 -15.85 -5.17 -25.58
N PRO C 276 -16.53 -4.91 -26.74
CA PRO C 276 -16.70 -3.54 -27.23
C PRO C 276 -17.56 -2.69 -26.30
N VAL C 277 -17.37 -1.38 -26.44
CA VAL C 277 -18.11 -0.37 -25.72
C VAL C 277 -19.01 0.33 -26.74
N SER C 278 -20.28 0.45 -26.35
CA SER C 278 -21.32 1.07 -27.15
C SER C 278 -21.57 2.49 -26.67
N SER C 279 -21.27 2.81 -25.39
CA SER C 279 -21.30 4.23 -25.00
C SER C 279 -20.47 4.52 -23.75
N VAL C 280 -20.02 5.78 -23.61
CA VAL C 280 -19.39 6.27 -22.39
C VAL C 280 -20.06 7.59 -22.04
N ASP C 281 -20.54 7.71 -20.79
CA ASP C 281 -21.31 8.87 -20.30
C ASP C 281 -22.38 9.29 -21.31
N GLY C 282 -23.07 8.34 -21.91
CA GLY C 282 -24.11 8.66 -22.88
C GLY C 282 -23.61 8.99 -24.30
N ARG C 283 -22.31 8.97 -24.60
CA ARG C 283 -21.82 9.28 -25.94
C ARG C 283 -21.67 7.98 -26.72
N ALA C 284 -22.38 7.83 -27.83
CA ALA C 284 -22.44 6.56 -28.56
C ALA C 284 -21.12 6.33 -29.28
N LEU C 285 -20.70 5.07 -29.29
CA LEU C 285 -19.56 4.59 -30.06
C LEU C 285 -20.07 3.38 -30.81
N VAL C 286 -19.72 3.28 -32.12
CA VAL C 286 -20.02 2.11 -32.90
C VAL C 286 -19.33 0.92 -32.23
N PRO C 287 -20.06 -0.11 -31.73
CA PRO C 287 -19.40 -1.32 -31.21
C PRO C 287 -18.88 -2.22 -32.35
N LEU C 288 -17.72 -2.85 -32.10
CA LEU C 288 -16.89 -3.63 -33.03
C LEU C 288 -16.48 -2.75 -34.21
N GLY C 289 -15.84 -1.61 -33.91
CA GLY C 289 -15.18 -0.83 -34.94
C GLY C 289 -14.03 -1.63 -35.57
N PRO C 290 -13.44 -1.09 -36.66
CA PRO C 290 -12.48 -1.87 -37.45
C PRO C 290 -11.23 -2.31 -36.68
N LEU C 291 -10.73 -1.48 -35.74
CA LEU C 291 -9.52 -1.83 -35.03
C LEU C 291 -9.81 -2.80 -33.88
N THR C 292 -11.00 -2.69 -33.27
CA THR C 292 -11.38 -3.63 -32.22
C THR C 292 -11.42 -5.02 -32.85
N GLN C 293 -12.07 -5.14 -34.01
CA GLN C 293 -12.18 -6.39 -34.76
C GLN C 293 -10.81 -7.01 -35.01
N ARG C 294 -9.89 -6.20 -35.55
CA ARG C 294 -8.54 -6.65 -35.88
C ARG C 294 -7.80 -7.16 -34.63
N LEU C 295 -7.89 -6.42 -33.50
CA LEU C 295 -7.21 -6.82 -32.28
C LEU C 295 -7.86 -8.05 -31.67
N ASP C 296 -9.20 -8.09 -31.79
CA ASP C 296 -9.98 -9.24 -31.36
C ASP C 296 -9.53 -10.51 -32.12
N ALA C 297 -9.35 -10.41 -33.44
CA ALA C 297 -8.90 -11.55 -34.24
C ALA C 297 -7.54 -12.06 -33.76
N LEU C 298 -6.60 -11.10 -33.51
CA LEU C 298 -5.23 -11.40 -33.07
C LEU C 298 -5.23 -12.09 -31.70
N TYR C 299 -6.10 -11.58 -30.81
CA TYR C 299 -6.18 -12.11 -29.46
C TYR C 299 -6.65 -13.57 -29.45
N ARG C 300 -7.77 -13.86 -30.15
CA ARG C 300 -8.36 -15.19 -30.23
C ARG C 300 -7.38 -16.18 -30.88
N ALA C 301 -6.73 -15.78 -31.97
CA ALA C 301 -5.62 -16.56 -32.52
C ALA C 301 -4.54 -16.83 -31.45
N TYR C 302 -4.19 -15.82 -30.62
CA TYR C 302 -3.13 -16.02 -29.64
C TYR C 302 -3.54 -17.02 -28.56
N ILE C 303 -4.78 -16.94 -28.03
CA ILE C 303 -5.20 -17.82 -26.94
C ILE C 303 -5.47 -19.23 -27.43
N ALA C 304 -5.73 -19.42 -28.74
CA ALA C 304 -5.87 -20.72 -29.39
C ALA C 304 -4.56 -21.27 -30.00
N SER C 305 -3.37 -20.70 -29.71
CA SER C 305 -2.08 -21.10 -30.25
C SER C 305 -1.39 -22.04 -29.27
N ALA C 306 -0.32 -22.70 -29.73
CA ALA C 306 0.49 -23.61 -28.91
C ALA C 306 1.57 -22.90 -28.08
N ASN C 307 1.44 -21.58 -27.86
CA ASN C 307 2.46 -20.71 -27.26
C ASN C 307 2.88 -21.22 -25.87
N GLU C 308 4.16 -21.16 -25.50
CA GLU C 308 4.66 -21.66 -24.23
C GLU C 308 4.28 -20.73 -23.05
N ALA C 309 3.69 -19.55 -23.29
CA ALA C 309 2.95 -18.79 -22.30
C ALA C 309 1.73 -19.57 -21.77
N HIS C 310 1.15 -20.47 -22.58
CA HIS C 310 -0.02 -21.23 -22.19
C HIS C 310 0.40 -22.54 -21.54
N GLY C 311 -0.28 -22.97 -20.46
CA GLY C 311 0.03 -24.23 -19.78
C GLY C 311 -0.80 -25.38 -20.33
N ALA C 312 -0.18 -26.55 -20.58
CA ALA C 312 -0.90 -27.72 -21.12
C ALA C 312 -1.84 -28.33 -20.06
N LEU C 313 -3.09 -28.54 -20.43
CA LEU C 313 -4.00 -29.37 -19.66
C LEU C 313 -3.76 -30.79 -20.13
N PRO C 314 -3.59 -31.77 -19.19
CA PRO C 314 -3.54 -33.17 -19.55
C PRO C 314 -4.75 -33.70 -20.34
N ALA C 315 -4.51 -34.61 -21.30
CA ALA C 315 -5.54 -35.09 -22.21
C ALA C 315 -6.32 -36.20 -21.53
N ALA C 316 -6.60 -36.00 -20.24
CA ALA C 316 -6.83 -37.09 -19.30
C ALA C 316 -8.32 -37.42 -19.30
#